data_1Z47
#
_entry.id   1Z47
#
_cell.length_a   154.810
_cell.length_b   56.310
_cell.length_c   91.620
_cell.angle_alpha   90.00
_cell.angle_beta   91.72
_cell.angle_gamma   90.00
#
_symmetry.space_group_name_H-M   'C 1 2 1'
#
loop_
_entity.id
_entity.type
_entity.pdbx_description
1 polymer 'putative ABC-transporter ATP-binding protein'
2 non-polymer 'CHLORIDE ION'
3 water water
#
_entity_poly.entity_id   1
_entity_poly.type   'polypeptide(L)'
_entity_poly.pdbx_seq_one_letter_code
;MRGHHHHHHHGSMTIEFVGVEKIYPGGARSVRGVSFQIREGEMVGLLGPSGSGKTTILRLIAGLERPTKGDVWIGGKRVT
DLPPQKRNVGLVFQNYALFQHMTVYDNVSFGLREKRVPKDEMDARVRELLRFMRLESYANRFPHELSGGQQQRVALARAL
APRPQVLLFDEPFAAIDTQIRRELRTFVRQVHDEMGVTSVFVTHDQEEALEVADRVLVLHEGNVEQFGTPEEVYEKPGTL
FVASFIGESNVWTRAVQNGRIEVAGAALPVDPAVSEGSEVAVVVRPKDVELQPASEREAHAQVVRSAFKGSYSACWIRTK
DGEVWEVHVPSADRHRWSPGAWVHMNVTRWFIFPR
;
_entity_poly.pdbx_strand_id   A,B
#
# COMPACT_ATOMS: atom_id res chain seq x y z
N GLY A 11 13.83 25.90 19.38
CA GLY A 11 13.00 25.58 18.16
C GLY A 11 11.93 24.52 18.38
N SER A 12 11.52 23.86 17.31
CA SER A 12 10.50 22.83 17.48
C SER A 12 10.70 21.75 16.46
N MET A 13 10.75 20.49 16.89
CA MET A 13 10.90 19.46 15.89
C MET A 13 9.55 19.21 15.24
N THR A 14 9.44 19.74 14.01
CA THR A 14 8.26 19.62 13.20
C THR A 14 8.34 18.34 12.36
N ILE A 15 9.56 17.94 12.04
CA ILE A 15 9.77 16.72 11.29
C ILE A 15 10.92 15.93 11.88
N GLU A 16 10.67 14.64 12.08
CA GLU A 16 11.71 13.79 12.61
C GLU A 16 11.71 12.41 11.98
N PHE A 17 12.91 11.96 11.62
CA PHE A 17 13.08 10.64 11.06
C PHE A 17 13.81 9.89 12.16
N VAL A 18 13.29 8.72 12.54
CA VAL A 18 13.93 7.93 13.59
C VAL A 18 14.36 6.58 13.04
N GLY A 19 15.67 6.45 12.79
CA GLY A 19 16.22 5.19 12.26
C GLY A 19 15.45 4.69 11.04
N VAL A 20 15.16 5.63 10.14
CA VAL A 20 14.39 5.28 8.97
C VAL A 20 15.15 4.52 7.92
N GLU A 21 14.55 3.44 7.45
CA GLU A 21 15.14 2.63 6.39
C GLU A 21 14.11 2.39 5.31
N LYS A 22 14.51 2.54 4.04
CA LYS A 22 13.62 2.27 2.92
C LYS A 22 14.49 1.58 1.91
N ILE A 23 14.26 0.29 1.73
CA ILE A 23 15.10 -0.45 0.83
C ILE A 23 14.44 -0.92 -0.43
N TYR A 24 15.17 -0.73 -1.52
CA TYR A 24 14.74 -1.18 -2.84
C TYR A 24 15.69 -2.24 -3.33
N PRO A 25 15.18 -3.25 -4.04
CA PRO A 25 16.06 -4.28 -4.57
C PRO A 25 16.99 -3.55 -5.54
N GLY A 26 18.26 -3.89 -5.51
CA GLY A 26 19.18 -3.20 -6.39
C GLY A 26 19.75 -1.98 -5.69
N GLY A 27 19.41 -1.82 -4.42
CA GLY A 27 19.94 -0.71 -3.62
C GLY A 27 19.73 0.74 -4.01
N ALA A 28 19.76 1.08 -5.29
CA ALA A 28 19.58 2.48 -5.74
C ALA A 28 18.32 3.15 -5.14
N ARG A 29 18.46 4.42 -4.73
CA ARG A 29 17.39 5.23 -4.12
C ARG A 29 17.06 4.80 -2.68
N SER A 30 17.78 3.81 -2.16
CA SER A 30 17.50 3.38 -0.79
C SER A 30 17.93 4.42 0.23
N VAL A 31 17.30 4.37 1.41
CA VAL A 31 17.62 5.23 2.57
C VAL A 31 18.06 4.15 3.58
N ARG A 32 19.31 4.25 4.02
CA ARG A 32 19.89 3.20 4.86
C ARG A 32 20.09 3.49 6.32
N GLY A 33 19.02 3.78 7.03
CA GLY A 33 19.13 4.06 8.46
C GLY A 33 19.46 5.52 8.71
N VAL A 34 18.45 6.37 8.51
CA VAL A 34 18.61 7.81 8.66
C VAL A 34 17.76 8.40 9.80
N SER A 35 18.37 9.26 10.61
CA SER A 35 17.67 9.94 11.69
C SER A 35 18.02 11.41 11.58
N PHE A 36 17.04 12.27 11.74
CA PHE A 36 17.32 13.70 11.69
C PHE A 36 16.14 14.45 12.26
N GLN A 37 16.34 15.71 12.60
CA GLN A 37 15.24 16.50 13.11
C GLN A 37 15.27 17.86 12.43
N ILE A 38 14.11 18.28 11.97
CA ILE A 38 13.96 19.58 11.34
C ILE A 38 13.13 20.47 12.27
N ARG A 39 13.65 21.66 12.53
CA ARG A 39 13.05 22.64 13.44
C ARG A 39 11.86 23.37 12.84
N GLU A 40 10.93 23.79 13.69
CA GLU A 40 9.76 24.52 13.22
C GLU A 40 10.19 25.77 12.45
N GLY A 41 9.58 25.98 11.29
CA GLY A 41 9.88 27.16 10.49
C GLY A 41 11.11 27.11 9.61
N GLU A 42 11.92 26.05 9.67
CA GLU A 42 13.11 26.10 8.79
C GLU A 42 12.84 25.57 7.41
N MET A 43 13.71 25.95 6.49
CA MET A 43 13.60 25.43 5.13
C MET A 43 14.87 24.60 4.96
N VAL A 44 14.69 23.33 4.64
CA VAL A 44 15.79 22.39 4.47
C VAL A 44 15.81 21.81 3.05
N GLY A 45 17.00 21.73 2.46
CA GLY A 45 17.12 21.16 1.12
C GLY A 45 17.77 19.78 1.24
N LEU A 46 17.31 18.84 0.41
CA LEU A 46 17.83 17.50 0.38
C LEU A 46 18.67 17.46 -0.90
N LEU A 47 19.97 17.26 -0.74
CA LEU A 47 20.88 17.28 -1.88
C LEU A 47 21.65 15.99 -2.01
N GLY A 48 22.15 15.70 -3.22
CA GLY A 48 22.91 14.47 -3.33
C GLY A 48 22.87 13.96 -4.76
N PRO A 49 23.71 12.98 -5.12
CA PRO A 49 23.70 12.45 -6.49
C PRO A 49 22.37 11.74 -6.77
N SER A 50 22.05 11.51 -8.04
CA SER A 50 20.80 10.80 -8.34
C SER A 50 20.94 9.41 -7.71
N GLY A 51 19.86 8.91 -7.12
CA GLY A 51 19.87 7.61 -6.49
C GLY A 51 20.38 7.59 -5.06
N SER A 52 20.80 8.76 -4.55
CA SER A 52 21.36 8.85 -3.20
C SER A 52 20.35 8.68 -2.08
N GLY A 53 19.07 8.74 -2.42
CA GLY A 53 18.04 8.64 -1.39
C GLY A 53 17.38 9.97 -1.12
N LYS A 54 17.86 11.08 -1.72
CA LYS A 54 17.25 12.38 -1.46
C LYS A 54 15.78 12.48 -1.84
N THR A 55 15.39 11.88 -2.98
CA THR A 55 13.97 11.94 -3.38
C THR A 55 13.12 10.99 -2.57
N THR A 56 13.68 9.84 -2.19
CA THR A 56 12.97 8.87 -1.37
C THR A 56 12.61 9.53 -0.03
N ILE A 57 13.56 10.30 0.51
CA ILE A 57 13.31 11.01 1.76
C ILE A 57 12.11 11.96 1.65
N LEU A 58 12.07 12.75 0.56
CA LEU A 58 10.94 13.65 0.37
C LEU A 58 9.63 12.84 0.30
N ARG A 59 9.63 11.72 -0.44
CA ARG A 59 8.42 10.90 -0.56
C ARG A 59 8.05 10.31 0.81
N LEU A 60 9.05 9.98 1.64
CA LEU A 60 8.81 9.43 2.99
C LEU A 60 8.20 10.50 3.92
N ILE A 61 8.56 11.75 3.71
CA ILE A 61 7.96 12.84 4.50
C ILE A 61 6.53 13.06 4.02
N ALA A 62 6.33 13.02 2.71
CA ALA A 62 5.01 13.23 2.13
C ALA A 62 4.07 12.07 2.47
N GLY A 63 4.62 10.88 2.60
CA GLY A 63 3.77 9.73 2.84
C GLY A 63 3.41 9.01 1.54
N LEU A 64 4.02 9.40 0.42
CA LEU A 64 3.74 8.74 -0.86
C LEU A 64 4.34 7.32 -0.81
N GLU A 65 5.29 7.14 0.09
CA GLU A 65 5.84 5.82 0.35
C GLU A 65 6.02 5.71 1.86
N ARG A 66 6.07 4.48 2.36
CA ARG A 66 6.21 4.18 3.79
C ARG A 66 7.57 3.51 4.02
N PRO A 67 8.17 3.71 5.20
CA PRO A 67 9.48 3.12 5.50
C PRO A 67 9.45 1.59 5.53
N THR A 68 10.61 0.97 5.31
CA THR A 68 10.73 -0.47 5.43
C THR A 68 10.85 -0.68 6.94
N LYS A 69 11.52 0.25 7.62
CA LYS A 69 11.71 0.17 9.06
C LYS A 69 11.88 1.61 9.58
N GLY A 70 11.60 1.82 10.85
CA GLY A 70 11.74 3.16 11.41
C GLY A 70 10.48 4.00 11.32
N ASP A 71 10.51 5.17 11.94
CA ASP A 71 9.34 6.04 11.95
C ASP A 71 9.54 7.47 11.50
N VAL A 72 8.44 8.05 11.04
CA VAL A 72 8.40 9.42 10.62
C VAL A 72 7.42 10.14 11.51
N TRP A 73 7.85 11.28 12.04
CA TRP A 73 7.04 12.11 12.91
C TRP A 73 6.91 13.49 12.31
N ILE A 74 5.69 14.03 12.35
CA ILE A 74 5.43 15.38 11.88
C ILE A 74 4.59 16.05 13.00
N GLY A 75 5.02 17.21 13.44
CA GLY A 75 4.32 17.96 14.49
C GLY A 75 4.09 17.13 15.75
N GLY A 76 5.04 16.28 16.11
CA GLY A 76 4.88 15.46 17.30
C GLY A 76 3.94 14.27 17.14
N LYS A 77 3.43 14.02 15.94
CA LYS A 77 2.55 12.89 15.73
C LYS A 77 3.30 11.86 14.88
N ARG A 78 3.18 10.60 15.22
CA ARG A 78 3.86 9.55 14.47
C ARG A 78 2.97 9.28 13.26
N VAL A 79 3.44 9.61 12.05
CA VAL A 79 2.62 9.43 10.85
C VAL A 79 3.07 8.36 9.86
N THR A 80 4.03 7.56 10.29
CA THR A 80 4.64 6.49 9.48
C THR A 80 3.74 5.77 8.48
N ASP A 81 2.60 5.27 8.95
CA ASP A 81 1.72 4.53 8.06
C ASP A 81 0.63 5.37 7.40
N LEU A 82 0.65 6.68 7.60
CA LEU A 82 -0.41 7.49 6.99
C LEU A 82 -0.07 8.03 5.61
N PRO A 83 -1.05 8.07 4.70
CA PRO A 83 -0.86 8.59 3.34
C PRO A 83 -0.88 10.11 3.45
N PRO A 84 -0.51 10.81 2.37
CA PRO A 84 -0.43 12.27 2.28
C PRO A 84 -1.70 12.97 2.71
N GLN A 85 -2.83 12.47 2.22
CA GLN A 85 -4.11 13.08 2.56
C GLN A 85 -4.42 13.00 4.06
N LYS A 86 -3.71 12.14 4.79
CA LYS A 86 -3.88 12.00 6.24
C LYS A 86 -2.79 12.71 7.06
N ARG A 87 -1.87 13.40 6.37
CA ARG A 87 -0.79 14.13 7.05
C ARG A 87 -0.91 15.63 6.89
N ASN A 88 -0.31 16.37 7.82
CA ASN A 88 -0.38 17.83 7.82
C ASN A 88 0.69 18.43 6.87
N VAL A 89 0.59 18.04 5.59
CA VAL A 89 1.53 18.45 4.55
C VAL A 89 0.86 19.04 3.31
N GLY A 90 1.56 19.96 2.66
CA GLY A 90 1.10 20.60 1.43
C GLY A 90 2.14 20.21 0.37
N LEU A 91 1.65 19.67 -0.75
CA LEU A 91 2.58 19.21 -1.79
C LEU A 91 2.73 20.15 -2.96
N VAL A 92 3.97 20.38 -3.40
CA VAL A 92 4.23 21.19 -4.59
C VAL A 92 5.05 20.28 -5.52
N PHE A 93 4.47 19.94 -6.66
CA PHE A 93 5.09 19.00 -7.62
C PHE A 93 6.05 19.62 -8.64
N GLN A 94 6.83 18.76 -9.31
CA GLN A 94 7.74 19.27 -10.30
C GLN A 94 6.92 20.07 -11.30
N ASN A 95 7.55 21.12 -11.82
CA ASN A 95 6.92 22.02 -12.79
C ASN A 95 5.65 22.64 -12.23
N TYR A 96 5.54 22.64 -10.90
CA TYR A 96 4.38 23.25 -10.23
C TYR A 96 3.09 22.78 -10.90
N ALA A 97 3.01 21.48 -11.15
CA ALA A 97 1.87 20.88 -11.82
C ALA A 97 0.54 21.14 -11.08
N LEU A 98 -0.49 21.39 -11.88
CA LEU A 98 -1.85 21.70 -11.40
C LEU A 98 -2.89 20.77 -12.02
N PHE A 99 -4.12 20.81 -11.52
CA PHE A 99 -5.15 19.96 -12.10
C PHE A 99 -5.62 20.67 -13.37
N GLN A 100 -5.53 19.91 -14.46
CA GLN A 100 -5.87 20.36 -15.80
C GLN A 100 -7.20 21.01 -16.13
N HIS A 101 -8.29 20.28 -15.93
CA HIS A 101 -9.57 20.82 -16.30
C HIS A 101 -10.31 21.42 -15.14
N MET A 102 -9.56 22.17 -14.34
CA MET A 102 -10.10 22.82 -13.15
C MET A 102 -9.59 24.24 -13.16
N THR A 103 -10.43 25.20 -12.82
CA THR A 103 -10.02 26.60 -12.77
C THR A 103 -9.06 26.86 -11.62
N VAL A 104 -8.48 28.06 -11.63
CA VAL A 104 -7.59 28.47 -10.56
C VAL A 104 -8.28 28.36 -9.22
N TYR A 105 -9.50 28.86 -9.15
CA TYR A 105 -10.29 28.85 -7.92
C TYR A 105 -10.47 27.45 -7.39
N ASP A 106 -10.81 26.54 -8.29
CA ASP A 106 -11.07 25.16 -7.89
C ASP A 106 -9.80 24.41 -7.49
N ASN A 107 -8.70 24.72 -8.16
CA ASN A 107 -7.41 24.13 -7.80
C ASN A 107 -7.10 24.57 -6.37
N VAL A 108 -7.26 25.84 -6.09
CA VAL A 108 -6.96 26.31 -4.74
C VAL A 108 -7.92 25.75 -3.69
N SER A 109 -9.18 25.54 -4.05
CA SER A 109 -10.13 24.99 -3.09
C SER A 109 -10.02 23.48 -2.91
N PHE A 110 -9.38 22.79 -3.85
CA PHE A 110 -9.35 21.32 -3.82
C PHE A 110 -9.11 20.60 -2.48
N GLY A 111 -8.05 20.97 -1.78
CA GLY A 111 -7.73 20.35 -0.51
C GLY A 111 -8.78 20.61 0.57
N LEU A 112 -9.46 21.75 0.45
CA LEU A 112 -10.54 22.14 1.38
C LEU A 112 -11.78 21.34 1.02
N ARG A 113 -12.01 21.15 -0.28
CA ARG A 113 -13.15 20.36 -0.74
C ARG A 113 -12.99 18.92 -0.26
N GLU A 114 -11.77 18.41 -0.34
CA GLU A 114 -11.48 17.04 0.07
C GLU A 114 -11.75 16.83 1.55
N LYS A 115 -11.59 17.89 2.33
CA LYS A 115 -11.82 17.84 3.76
C LYS A 115 -13.27 18.23 4.12
N ARG A 116 -14.07 18.55 3.11
CA ARG A 116 -15.46 18.92 3.35
C ARG A 116 -15.59 20.14 4.24
N VAL A 117 -14.72 21.12 4.02
CA VAL A 117 -14.75 22.37 4.79
C VAL A 117 -16.03 23.11 4.38
N PRO A 118 -16.76 23.68 5.36
CA PRO A 118 -18.00 24.43 5.06
C PRO A 118 -17.81 25.40 3.89
N LYS A 119 -18.77 25.46 2.97
CA LYS A 119 -18.63 26.33 1.81
C LYS A 119 -18.24 27.78 2.05
N ASP A 120 -18.82 28.42 3.06
CA ASP A 120 -18.50 29.82 3.34
C ASP A 120 -17.07 29.98 3.85
N GLU A 121 -16.68 29.09 4.76
CA GLU A 121 -15.35 29.09 5.32
C GLU A 121 -14.32 28.76 4.21
N MET A 122 -14.73 27.91 3.27
CA MET A 122 -13.83 27.52 2.18
C MET A 122 -13.66 28.67 1.21
N ASP A 123 -14.75 29.32 0.86
CA ASP A 123 -14.64 30.44 -0.04
C ASP A 123 -13.79 31.56 0.56
N ALA A 124 -13.92 31.79 1.86
CA ALA A 124 -13.17 32.84 2.56
C ALA A 124 -11.66 32.62 2.41
N ARG A 125 -11.25 31.41 2.75
CA ARG A 125 -9.85 31.00 2.65
C ARG A 125 -9.27 31.10 1.24
N VAL A 126 -9.99 30.62 0.24
CA VAL A 126 -9.51 30.66 -1.13
C VAL A 126 -9.29 32.10 -1.61
N ARG A 127 -10.28 32.96 -1.36
CA ARG A 127 -10.16 34.35 -1.81
C ARG A 127 -8.99 35.02 -1.15
N GLU A 128 -8.77 34.70 0.13
CA GLU A 128 -7.67 35.26 0.91
C GLU A 128 -6.34 34.86 0.27
N LEU A 129 -6.27 33.63 -0.22
CA LEU A 129 -5.02 33.16 -0.83
C LEU A 129 -4.78 33.78 -2.18
N LEU A 130 -5.84 33.90 -2.99
CA LEU A 130 -5.68 34.52 -4.31
C LEU A 130 -5.27 35.98 -4.13
N ARG A 131 -5.85 36.62 -3.12
CA ARG A 131 -5.50 38.01 -2.84
C ARG A 131 -4.00 38.09 -2.54
N PHE A 132 -3.56 37.25 -1.60
CA PHE A 132 -2.16 37.21 -1.23
C PHE A 132 -1.30 36.99 -2.49
N MET A 133 -1.73 36.07 -3.35
CA MET A 133 -0.99 35.77 -4.57
C MET A 133 -1.23 36.76 -5.71
N ARG A 134 -2.08 37.74 -5.45
CA ARG A 134 -2.40 38.71 -6.49
C ARG A 134 -2.97 37.94 -7.69
N LEU A 135 -3.83 36.96 -7.41
CA LEU A 135 -4.41 36.14 -8.47
C LEU A 135 -5.91 36.33 -8.71
N GLU A 136 -6.50 37.29 -8.02
CA GLU A 136 -7.94 37.57 -8.15
C GLU A 136 -8.49 37.54 -9.57
N SER A 137 -7.82 38.24 -10.49
CA SER A 137 -8.28 38.32 -11.87
C SER A 137 -8.09 37.05 -12.69
N TYR A 138 -7.55 35.99 -12.06
CA TYR A 138 -7.32 34.73 -12.76
C TYR A 138 -8.11 33.56 -12.19
N ALA A 139 -8.99 33.86 -11.23
CA ALA A 139 -9.81 32.87 -10.57
C ALA A 139 -10.54 31.91 -11.49
N ASN A 140 -10.91 32.36 -12.68
CA ASN A 140 -11.65 31.52 -13.61
C ASN A 140 -10.88 31.03 -14.80
N ARG A 141 -9.58 31.32 -14.84
CA ARG A 141 -8.75 30.84 -15.94
C ARG A 141 -8.39 29.42 -15.56
N PHE A 142 -8.03 28.61 -16.55
CA PHE A 142 -7.61 27.26 -16.27
C PHE A 142 -6.09 27.34 -16.30
N PRO A 143 -5.40 26.39 -15.64
CA PRO A 143 -3.92 26.38 -15.61
C PRO A 143 -3.21 26.64 -16.91
N HIS A 144 -3.43 25.77 -17.90
CA HIS A 144 -2.76 25.90 -19.19
C HIS A 144 -2.84 27.28 -19.82
N GLU A 145 -3.69 28.14 -19.28
CA GLU A 145 -3.83 29.48 -19.83
C GLU A 145 -2.90 30.47 -19.14
N LEU A 146 -2.26 30.06 -18.05
CA LEU A 146 -1.37 30.96 -17.30
C LEU A 146 0.11 30.85 -17.62
N SER A 147 0.86 31.88 -17.20
CA SER A 147 2.29 31.91 -17.42
C SER A 147 2.90 30.93 -16.40
N GLY A 148 4.21 30.68 -16.53
CA GLY A 148 4.87 29.78 -15.61
C GLY A 148 4.87 30.37 -14.21
N GLY A 149 5.14 31.67 -14.13
CA GLY A 149 5.16 32.35 -12.84
C GLY A 149 3.79 32.38 -12.17
N GLN A 150 2.74 32.46 -12.98
CA GLN A 150 1.40 32.49 -12.41
C GLN A 150 1.03 31.09 -11.92
N GLN A 151 1.42 30.08 -12.68
CA GLN A 151 1.13 28.69 -12.32
C GLN A 151 1.83 28.36 -11.02
N GLN A 152 3.05 28.87 -10.82
CA GLN A 152 3.78 28.62 -9.54
C GLN A 152 3.00 29.21 -8.37
N ARG A 153 2.39 30.38 -8.57
CA ARG A 153 1.66 31.00 -7.48
C ARG A 153 0.39 30.23 -7.13
N VAL A 154 -0.22 29.63 -8.13
CA VAL A 154 -1.45 28.88 -7.88
C VAL A 154 -1.10 27.56 -7.18
N ALA A 155 -0.01 26.94 -7.62
CA ALA A 155 0.45 25.69 -7.02
C ALA A 155 0.67 25.90 -5.52
N LEU A 156 1.36 27.00 -5.17
CA LEU A 156 1.62 27.26 -3.74
C LEU A 156 0.33 27.52 -2.98
N ALA A 157 -0.59 28.28 -3.59
CA ALA A 157 -1.86 28.61 -2.90
C ALA A 157 -2.64 27.32 -2.64
N ARG A 158 -2.61 26.40 -3.59
CA ARG A 158 -3.31 25.12 -3.38
C ARG A 158 -2.70 24.34 -2.23
N ALA A 159 -1.37 24.30 -2.18
CA ALA A 159 -0.71 23.53 -1.12
C ALA A 159 -0.99 24.17 0.26
N LEU A 160 -1.10 25.48 0.27
CA LEU A 160 -1.29 26.18 1.52
C LEU A 160 -2.72 26.34 2.00
N ALA A 161 -3.69 26.27 1.10
CA ALA A 161 -5.09 26.50 1.52
C ALA A 161 -5.54 25.75 2.76
N PRO A 162 -5.23 24.43 2.87
CA PRO A 162 -5.61 23.60 4.03
C PRO A 162 -4.80 23.86 5.28
N ARG A 163 -3.91 24.87 5.24
CA ARG A 163 -3.11 25.22 6.40
C ARG A 163 -2.15 24.12 6.90
N PRO A 164 -1.31 23.62 6.00
CA PRO A 164 -0.37 22.57 6.43
C PRO A 164 0.77 23.05 7.32
N GLN A 165 1.31 22.13 8.11
CA GLN A 165 2.46 22.41 8.95
C GLN A 165 3.75 22.40 8.14
N VAL A 166 3.78 21.52 7.12
CA VAL A 166 4.97 21.31 6.27
C VAL A 166 4.64 21.46 4.78
N LEU A 167 5.51 22.16 4.04
CA LEU A 167 5.35 22.28 2.58
C LEU A 167 6.49 21.47 1.97
N LEU A 168 6.21 20.60 1.00
CA LEU A 168 7.23 19.80 0.36
C LEU A 168 7.31 20.16 -1.15
N PHE A 169 8.53 20.39 -1.64
CA PHE A 169 8.71 20.78 -3.04
C PHE A 169 9.59 19.76 -3.80
N ASP A 170 9.16 19.36 -4.99
CA ASP A 170 9.95 18.47 -5.83
C ASP A 170 10.54 19.33 -6.94
N GLU A 171 11.85 19.57 -6.91
CA GLU A 171 12.53 20.38 -7.93
C GLU A 171 11.92 21.77 -8.16
N PRO A 172 11.76 22.58 -7.09
CA PRO A 172 11.20 23.93 -7.10
C PRO A 172 11.94 25.01 -7.89
N PHE A 173 13.20 24.78 -8.26
CA PHE A 173 13.92 25.85 -8.94
C PHE A 173 14.32 25.52 -10.40
N ALA A 174 13.83 24.40 -10.91
CA ALA A 174 14.20 23.93 -12.25
C ALA A 174 13.75 24.81 -13.40
N ALA A 175 14.70 25.12 -14.27
CA ALA A 175 14.44 25.94 -15.46
C ALA A 175 15.69 26.03 -16.32
N ILE A 176 15.51 26.35 -17.59
CA ILE A 176 16.63 26.46 -18.53
C ILE A 176 17.48 27.69 -18.27
N ASP A 177 16.81 28.75 -17.90
CA ASP A 177 17.46 30.03 -17.68
C ASP A 177 17.71 30.38 -16.23
N THR A 178 18.90 30.89 -15.97
CA THR A 178 19.32 31.27 -14.64
C THR A 178 18.38 32.30 -14.06
N GLN A 179 17.87 33.19 -14.91
CA GLN A 179 16.93 34.21 -14.46
C GLN A 179 15.64 33.60 -13.89
N ILE A 180 15.11 32.57 -14.54
CA ILE A 180 13.88 31.93 -14.06
C ILE A 180 14.20 31.25 -12.70
N ARG A 181 15.25 30.44 -12.68
CA ARG A 181 15.66 29.75 -11.43
C ARG A 181 15.76 30.70 -10.25
N ARG A 182 16.33 31.87 -10.50
CA ARG A 182 16.49 32.86 -9.47
C ARG A 182 15.14 33.41 -9.06
N GLU A 183 14.24 33.54 -10.04
CA GLU A 183 12.90 34.07 -9.69
C GLU A 183 12.16 33.04 -8.84
N LEU A 184 12.18 31.77 -9.27
CA LEU A 184 11.48 30.72 -8.55
C LEU A 184 11.97 30.58 -7.10
N ARG A 185 13.28 30.64 -6.92
CA ARG A 185 13.89 30.52 -5.62
C ARG A 185 13.51 31.65 -4.68
N THR A 186 13.47 32.88 -5.19
CA THR A 186 13.11 34.04 -4.39
C THR A 186 11.64 33.91 -3.97
N PHE A 187 10.79 33.48 -4.89
CA PHE A 187 9.37 33.35 -4.56
C PHE A 187 9.17 32.29 -3.47
N VAL A 188 9.76 31.12 -3.69
CA VAL A 188 9.70 30.05 -2.70
C VAL A 188 10.13 30.53 -1.31
N ARG A 189 11.28 31.20 -1.23
CA ARG A 189 11.72 31.66 0.08
C ARG A 189 10.73 32.69 0.68
N GLN A 190 10.25 33.58 -0.16
CA GLN A 190 9.34 34.62 0.30
C GLN A 190 8.04 34.06 0.86
N VAL A 191 7.43 33.15 0.10
CA VAL A 191 6.18 32.54 0.55
C VAL A 191 6.43 31.76 1.83
N HIS A 192 7.53 31.00 1.87
CA HIS A 192 7.89 30.24 3.06
C HIS A 192 7.96 31.13 4.32
N ASP A 193 8.70 32.21 4.21
CA ASP A 193 8.85 33.12 5.35
C ASP A 193 7.51 33.77 5.69
N GLU A 194 6.80 34.27 4.69
CA GLU A 194 5.53 34.94 4.93
C GLU A 194 4.45 34.05 5.52
N MET A 195 4.35 32.82 5.04
CA MET A 195 3.32 31.90 5.52
C MET A 195 3.61 31.12 6.80
N GLY A 196 4.84 31.25 7.31
CA GLY A 196 5.18 30.58 8.56
C GLY A 196 5.18 29.06 8.63
N VAL A 197 5.55 28.40 7.53
CA VAL A 197 5.56 26.94 7.48
C VAL A 197 7.01 26.43 7.63
N THR A 198 7.14 25.10 7.70
CA THR A 198 8.42 24.41 7.74
C THR A 198 8.41 23.83 6.31
N SER A 199 9.50 23.95 5.57
CA SER A 199 9.53 23.47 4.18
C SER A 199 10.72 22.56 3.94
N VAL A 200 10.53 21.55 3.05
CA VAL A 200 11.63 20.67 2.70
C VAL A 200 11.57 20.54 1.18
N PHE A 201 12.71 20.61 0.51
CA PHE A 201 12.65 20.48 -0.95
C PHE A 201 13.76 19.56 -1.40
N VAL A 202 13.59 18.97 -2.58
CA VAL A 202 14.66 18.18 -3.12
C VAL A 202 14.99 18.87 -4.44
N THR A 203 16.27 18.90 -4.78
CA THR A 203 16.65 19.58 -6.00
C THR A 203 18.01 19.17 -6.51
N HIS A 204 18.21 19.38 -7.81
CA HIS A 204 19.51 19.10 -8.41
C HIS A 204 20.14 20.48 -8.64
N ASP A 205 19.37 21.55 -8.42
CA ASP A 205 19.86 22.93 -8.61
C ASP A 205 20.58 23.41 -7.36
N GLN A 206 21.77 22.87 -7.16
CA GLN A 206 22.60 23.16 -6.00
C GLN A 206 22.84 24.62 -5.68
N GLU A 207 23.14 25.45 -6.68
CA GLU A 207 23.39 26.85 -6.39
C GLU A 207 22.19 27.55 -5.75
N GLU A 208 21.01 27.30 -6.29
CA GLU A 208 19.79 27.91 -5.77
C GLU A 208 19.49 27.39 -4.36
N ALA A 209 19.73 26.10 -4.15
CA ALA A 209 19.51 25.44 -2.85
C ALA A 209 20.38 26.08 -1.77
N LEU A 210 21.66 26.29 -2.04
CA LEU A 210 22.57 26.87 -1.04
C LEU A 210 22.23 28.33 -0.73
N GLU A 211 21.66 29.02 -1.70
CA GLU A 211 21.27 30.41 -1.50
C GLU A 211 19.98 30.51 -0.68
N VAL A 212 19.12 29.49 -0.73
CA VAL A 212 17.84 29.61 -0.03
C VAL A 212 17.58 28.82 1.24
N ALA A 213 18.27 27.70 1.43
CA ALA A 213 18.01 26.88 2.63
C ALA A 213 18.65 27.37 3.91
N ASP A 214 18.04 27.00 5.05
CA ASP A 214 18.57 27.30 6.38
C ASP A 214 19.63 26.21 6.65
N ARG A 215 19.29 24.95 6.32
CA ARG A 215 20.22 23.83 6.44
C ARG A 215 19.98 22.86 5.25
N VAL A 216 21.01 22.07 4.93
CA VAL A 216 20.86 21.07 3.87
C VAL A 216 21.36 19.74 4.39
N LEU A 217 20.71 18.69 3.94
CA LEU A 217 21.06 17.33 4.26
C LEU A 217 21.74 16.84 2.99
N VAL A 218 22.99 16.40 3.10
CA VAL A 218 23.74 15.90 1.95
C VAL A 218 23.78 14.38 2.03
N LEU A 219 23.10 13.75 1.07
CA LEU A 219 22.98 12.30 1.00
C LEU A 219 24.02 11.63 0.08
N HIS A 220 24.40 10.42 0.45
CA HIS A 220 25.35 9.64 -0.34
C HIS A 220 25.06 8.16 -0.08
N GLU A 221 24.66 7.44 -1.13
CA GLU A 221 24.33 6.01 -0.97
C GLU A 221 23.37 5.73 0.17
N GLY A 222 22.38 6.59 0.35
CA GLY A 222 21.38 6.34 1.38
C GLY A 222 21.65 6.80 2.79
N ASN A 223 22.80 7.44 3.02
CA ASN A 223 23.12 7.95 4.34
C ASN A 223 23.45 9.42 4.30
N VAL A 224 23.26 10.08 5.44
CA VAL A 224 23.53 11.50 5.55
C VAL A 224 24.99 11.72 5.83
N GLU A 225 25.68 12.34 4.88
CA GLU A 225 27.11 12.62 5.02
C GLU A 225 27.32 13.85 5.91
N GLN A 226 26.41 14.82 5.78
CA GLN A 226 26.48 16.05 6.57
C GLN A 226 25.15 16.77 6.57
N PHE A 227 24.81 17.34 7.72
CA PHE A 227 23.57 18.10 7.83
C PHE A 227 24.00 19.42 8.44
N GLY A 228 23.95 20.50 7.66
CA GLY A 228 24.37 21.77 8.21
C GLY A 228 23.95 22.95 7.37
N THR A 229 24.39 24.13 7.75
CA THR A 229 24.01 25.29 6.99
C THR A 229 24.79 25.23 5.66
N PRO A 230 24.35 25.96 4.63
CA PRO A 230 25.03 25.99 3.34
C PRO A 230 26.48 26.45 3.56
N GLU A 231 26.67 27.42 4.44
CA GLU A 231 28.04 27.89 4.65
C GLU A 231 28.89 26.81 5.30
N GLU A 232 28.31 26.07 6.23
CA GLU A 232 29.07 24.98 6.85
C GLU A 232 29.40 23.89 5.82
N VAL A 233 28.41 23.41 5.04
CA VAL A 233 28.76 22.36 4.10
C VAL A 233 29.65 22.82 2.97
N TYR A 234 29.57 24.09 2.61
CA TYR A 234 30.38 24.58 1.50
C TYR A 234 31.78 24.98 1.95
N GLU A 235 31.89 25.67 3.08
CA GLU A 235 33.20 26.12 3.58
C GLU A 235 33.90 25.10 4.48
N LYS A 236 33.14 24.26 5.17
CA LYS A 236 33.74 23.24 6.04
C LYS A 236 33.17 21.84 5.78
N PRO A 237 33.28 21.37 4.53
CA PRO A 237 32.76 20.03 4.23
C PRO A 237 33.42 18.99 5.14
N GLY A 238 32.60 18.10 5.71
CA GLY A 238 33.10 17.08 6.62
C GLY A 238 33.85 15.91 6.02
N THR A 239 33.68 15.67 4.71
CA THR A 239 34.39 14.54 4.09
C THR A 239 34.75 14.91 2.65
N LEU A 240 35.60 14.09 2.05
CA LEU A 240 35.97 14.32 0.66
C LEU A 240 34.71 14.33 -0.23
N PHE A 241 33.76 13.44 0.04
CA PHE A 241 32.54 13.41 -0.77
C PHE A 241 31.80 14.73 -0.72
N VAL A 242 31.58 15.27 0.47
CA VAL A 242 30.88 16.53 0.57
C VAL A 242 31.63 17.66 -0.12
N ALA A 243 32.95 17.69 0.06
CA ALA A 243 33.82 18.73 -0.54
C ALA A 243 33.76 18.69 -2.05
N SER A 244 33.65 17.47 -2.58
CA SER A 244 33.61 17.24 -4.03
C SER A 244 32.23 17.56 -4.62
N PHE A 245 31.19 17.04 -3.95
CA PHE A 245 29.82 17.20 -4.41
C PHE A 245 29.28 18.63 -4.27
N ILE A 246 29.46 19.22 -3.10
CA ILE A 246 28.95 20.59 -2.86
C ILE A 246 29.96 21.50 -3.52
N GLY A 247 29.51 22.27 -4.50
CA GLY A 247 30.44 23.11 -5.22
C GLY A 247 30.81 22.47 -6.55
N GLU A 248 30.38 21.23 -6.82
CA GLU A 248 30.68 20.58 -8.10
C GLU A 248 32.16 20.82 -8.46
N SER A 249 33.02 20.39 -7.55
CA SER A 249 34.45 20.65 -7.62
C SER A 249 35.30 19.83 -8.57
N ASN A 250 36.46 20.38 -8.89
CA ASN A 250 37.43 19.63 -9.68
C ASN A 250 38.04 18.77 -8.55
N VAL A 251 38.37 17.51 -8.81
CA VAL A 251 38.99 16.66 -7.78
C VAL A 251 40.06 15.87 -8.49
N TRP A 252 41.28 15.96 -7.98
CA TRP A 252 42.39 15.25 -8.60
C TRP A 252 43.23 14.56 -7.53
N THR A 253 43.83 13.44 -7.92
CA THR A 253 44.73 12.70 -7.01
C THR A 253 46.18 13.21 -7.19
N ARG A 254 46.89 13.37 -6.05
CA ARG A 254 48.30 13.81 -6.06
C ARG A 254 49.08 13.00 -5.00
N ALA A 255 50.34 12.69 -5.28
CA ALA A 255 51.16 11.94 -4.32
C ALA A 255 51.94 12.94 -3.46
N VAL A 256 51.93 12.76 -2.15
CA VAL A 256 52.64 13.68 -1.25
C VAL A 256 54.16 13.45 -1.35
N GLN A 257 54.89 14.53 -1.63
CA GLN A 257 56.34 14.50 -1.72
C GLN A 257 56.84 15.74 -1.01
N ASN A 258 57.73 15.55 -0.05
CA ASN A 258 58.28 16.63 0.76
C ASN A 258 57.19 17.38 1.50
N GLY A 259 56.20 16.63 1.99
CA GLY A 259 55.12 17.23 2.75
C GLY A 259 54.20 18.15 1.96
N ARG A 260 54.28 18.08 0.64
CA ARG A 260 53.46 18.94 -0.21
C ARG A 260 52.95 18.20 -1.45
N ILE A 261 52.07 18.85 -2.23
CA ILE A 261 51.59 18.27 -3.48
C ILE A 261 51.74 19.35 -4.54
N GLU A 262 51.97 18.96 -5.79
CA GLU A 262 52.14 19.97 -6.84
C GLU A 262 50.86 20.11 -7.63
N VAL A 263 50.33 21.33 -7.71
CA VAL A 263 49.12 21.56 -8.48
C VAL A 263 49.36 22.85 -9.27
N ALA A 264 49.42 22.72 -10.59
CA ALA A 264 49.70 23.87 -11.46
C ALA A 264 50.97 24.62 -11.07
N GLY A 265 52.08 23.91 -10.96
CA GLY A 265 53.33 24.56 -10.61
C GLY A 265 53.43 25.05 -9.18
N ALA A 266 52.35 25.03 -8.43
CA ALA A 266 52.38 25.51 -7.06
C ALA A 266 52.49 24.37 -6.04
N ALA A 267 53.28 24.59 -4.98
CA ALA A 267 53.44 23.58 -3.93
C ALA A 267 52.43 23.80 -2.80
N LEU A 268 51.51 22.87 -2.60
CA LEU A 268 50.53 23.06 -1.55
C LEU A 268 50.90 22.18 -0.36
N PRO A 269 50.94 22.76 0.87
CA PRO A 269 51.28 21.96 2.04
C PRO A 269 50.25 20.94 2.44
N VAL A 270 50.70 19.77 2.87
CA VAL A 270 49.81 18.72 3.28
C VAL A 270 50.02 18.51 4.78
N ASP A 271 48.95 18.28 5.50
CA ASP A 271 49.05 18.02 6.93
C ASP A 271 50.01 16.87 7.25
N PRO A 272 51.02 17.11 8.11
CA PRO A 272 52.03 16.11 8.51
C PRO A 272 51.43 14.76 8.90
N ALA A 273 50.20 14.76 9.38
CA ALA A 273 49.54 13.52 9.75
C ALA A 273 49.49 12.59 8.55
N VAL A 274 49.51 13.16 7.34
CA VAL A 274 49.47 12.36 6.12
C VAL A 274 50.88 11.95 5.75
N SER A 275 51.15 10.64 5.68
CA SER A 275 52.51 10.20 5.41
C SER A 275 53.00 10.37 3.99
N GLU A 276 54.32 10.57 3.87
CA GLU A 276 55.01 10.77 2.60
C GLU A 276 54.75 9.65 1.58
N GLY A 277 54.52 10.05 0.32
CA GLY A 277 54.26 9.07 -0.73
C GLY A 277 52.79 8.65 -0.81
N SER A 278 52.00 8.99 0.21
CA SER A 278 50.60 8.58 0.15
C SER A 278 49.80 9.45 -0.87
N GLU A 279 48.70 8.92 -1.35
CA GLU A 279 47.88 9.66 -2.31
C GLU A 279 46.83 10.46 -1.55
N VAL A 280 46.55 11.67 -2.03
CA VAL A 280 45.53 12.52 -1.41
C VAL A 280 44.70 13.09 -2.56
N ALA A 281 43.52 13.55 -2.26
CA ALA A 281 42.66 14.14 -3.28
C ALA A 281 42.73 15.63 -3.03
N VAL A 282 42.99 16.42 -4.08
CA VAL A 282 42.95 17.86 -3.93
C VAL A 282 41.62 18.27 -4.59
N VAL A 283 40.88 19.12 -3.89
CA VAL A 283 39.58 19.59 -4.28
C VAL A 283 39.66 21.09 -4.50
N VAL A 284 39.27 21.48 -5.72
CA VAL A 284 39.31 22.87 -6.10
C VAL A 284 38.01 23.27 -6.83
N ARG A 285 37.23 24.16 -6.22
CA ARG A 285 35.99 24.64 -6.87
C ARG A 285 36.38 25.45 -8.11
N PRO A 286 35.62 25.34 -9.22
CA PRO A 286 35.94 26.09 -10.43
C PRO A 286 36.22 27.58 -10.24
N LYS A 287 35.47 28.23 -9.36
CA LYS A 287 35.64 29.68 -9.19
C LYS A 287 36.94 30.06 -8.47
N ASP A 288 37.59 29.05 -7.90
CA ASP A 288 38.84 29.24 -7.17
C ASP A 288 40.11 28.98 -8.00
N VAL A 289 39.97 29.01 -9.32
CA VAL A 289 41.10 28.89 -10.22
C VAL A 289 41.11 30.15 -11.06
N GLU A 290 42.23 30.88 -11.08
CA GLU A 290 42.35 32.08 -11.90
C GLU A 290 43.23 31.77 -13.12
N LEU A 291 42.88 32.34 -14.27
CA LEU A 291 43.59 32.13 -15.53
C LEU A 291 44.29 33.40 -15.92
N GLN A 292 45.49 33.23 -16.47
CA GLN A 292 46.38 34.28 -16.95
C GLN A 292 46.89 33.79 -18.31
N PRO A 293 46.95 34.68 -19.32
CA PRO A 293 47.44 34.30 -20.66
C PRO A 293 48.88 33.84 -20.57
N ALA A 294 49.29 32.93 -21.46
CA ALA A 294 50.65 32.43 -21.45
C ALA A 294 51.05 31.94 -22.83
N SER A 295 52.35 31.75 -23.05
CA SER A 295 52.80 31.23 -24.34
C SER A 295 52.70 29.74 -24.15
N GLU A 296 52.62 28.99 -25.24
CA GLU A 296 52.50 27.56 -25.15
C GLU A 296 53.60 26.95 -24.29
N ARG A 297 54.84 27.36 -24.53
CA ARG A 297 55.97 26.81 -23.77
C ARG A 297 55.83 26.88 -22.26
N GLU A 298 55.40 28.02 -21.75
CA GLU A 298 55.29 28.23 -20.29
C GLU A 298 53.91 27.85 -19.71
N ALA A 299 52.92 27.63 -20.58
CA ALA A 299 51.57 27.36 -20.11
C ALA A 299 51.37 26.07 -19.33
N HIS A 300 50.30 26.05 -18.54
CA HIS A 300 49.90 24.87 -17.78
C HIS A 300 48.83 24.10 -18.56
N ALA A 301 48.05 24.82 -19.36
CA ALA A 301 46.91 24.20 -20.05
C ALA A 301 46.47 24.99 -21.28
N GLN A 302 45.60 24.37 -22.06
CA GLN A 302 45.05 24.99 -23.27
C GLN A 302 43.51 25.00 -23.15
N VAL A 303 42.89 26.12 -23.46
CA VAL A 303 41.42 26.21 -23.37
C VAL A 303 40.77 25.33 -24.46
N VAL A 304 39.73 24.57 -24.08
CA VAL A 304 39.02 23.71 -25.04
C VAL A 304 37.69 24.36 -25.45
N ARG A 305 36.93 24.87 -24.48
CA ARG A 305 35.64 25.54 -24.77
C ARG A 305 35.10 26.26 -23.53
N SER A 306 34.13 27.14 -23.74
CA SER A 306 33.49 27.89 -22.66
C SER A 306 31.99 27.86 -22.84
N ALA A 307 31.27 28.37 -21.85
CA ALA A 307 29.81 28.47 -21.90
C ALA A 307 29.39 29.51 -20.86
N PHE A 308 28.63 30.53 -21.27
CA PHE A 308 28.17 31.56 -20.35
C PHE A 308 27.10 30.95 -19.44
N LYS A 309 27.17 31.23 -18.16
CA LYS A 309 26.21 30.64 -17.23
C LYS A 309 25.38 31.66 -16.48
N GLY A 310 25.42 32.91 -16.93
CA GLY A 310 24.64 33.95 -16.28
C GLY A 310 25.48 34.76 -15.34
N SER A 311 25.69 34.20 -14.15
CA SER A 311 26.48 34.86 -13.12
C SER A 311 27.99 34.74 -13.34
N TYR A 312 28.42 33.98 -14.35
CA TYR A 312 29.82 33.80 -14.65
C TYR A 312 29.97 33.02 -15.93
N SER A 313 31.21 32.79 -16.36
CA SER A 313 31.45 32.02 -17.57
C SER A 313 32.27 30.77 -17.22
N ALA A 314 31.85 29.60 -17.73
CA ALA A 314 32.57 28.36 -17.48
C ALA A 314 33.56 28.16 -18.59
N CYS A 315 34.72 27.65 -18.22
CA CYS A 315 35.79 27.42 -19.18
C CYS A 315 36.46 26.07 -18.88
N TRP A 316 36.53 25.18 -19.88
CA TRP A 316 37.15 23.88 -19.69
C TRP A 316 38.50 23.91 -20.37
N ILE A 317 39.54 23.52 -19.63
CA ILE A 317 40.93 23.55 -20.12
C ILE A 317 41.62 22.21 -19.93
N ARG A 318 42.50 21.87 -20.87
CA ARG A 318 43.24 20.58 -20.85
C ARG A 318 44.68 20.87 -20.45
N THR A 319 45.10 20.35 -19.30
CA THR A 319 46.47 20.59 -18.84
C THR A 319 47.42 19.78 -19.69
N LYS A 320 48.67 20.20 -19.70
CA LYS A 320 49.70 19.52 -20.47
C LYS A 320 49.77 18.03 -20.09
N ASP A 321 49.52 17.72 -18.83
CA ASP A 321 49.56 16.34 -18.32
C ASP A 321 48.30 15.53 -18.64
N GLY A 322 47.28 16.19 -19.16
CA GLY A 322 46.07 15.45 -19.53
C GLY A 322 44.78 15.65 -18.73
N GLU A 323 44.78 16.46 -17.68
CA GLU A 323 43.57 16.66 -16.89
C GLU A 323 42.71 17.75 -17.50
N VAL A 324 41.39 17.60 -17.45
CA VAL A 324 40.49 18.67 -17.95
C VAL A 324 39.91 19.33 -16.73
N TRP A 325 40.28 20.59 -16.48
CA TRP A 325 39.77 21.32 -15.33
C TRP A 325 38.64 22.25 -15.79
N GLU A 326 37.70 22.50 -14.88
CA GLU A 326 36.61 23.44 -15.17
C GLU A 326 36.94 24.66 -14.30
N VAL A 327 36.93 25.83 -14.93
CA VAL A 327 37.24 27.09 -14.26
C VAL A 327 36.06 28.07 -14.47
N HIS A 328 35.68 28.80 -13.44
CA HIS A 328 34.60 29.77 -13.64
C HIS A 328 35.25 31.15 -13.59
N VAL A 329 35.15 31.90 -14.69
CA VAL A 329 35.73 33.24 -14.72
C VAL A 329 34.61 34.29 -14.61
N PRO A 330 34.97 35.54 -14.25
CA PRO A 330 33.98 36.62 -14.10
C PRO A 330 33.13 36.84 -15.36
N SER A 331 31.88 37.24 -15.16
CA SER A 331 30.99 37.49 -16.28
C SER A 331 31.59 38.51 -17.27
N ALA A 332 32.35 39.48 -16.76
CA ALA A 332 32.98 40.48 -17.64
C ALA A 332 34.04 39.89 -18.57
N ASP A 333 34.52 38.67 -18.25
CA ASP A 333 35.52 38.00 -19.09
C ASP A 333 34.86 36.95 -19.98
N ARG A 334 33.55 37.01 -20.16
CA ARG A 334 32.86 35.98 -20.93
C ARG A 334 33.37 35.76 -22.34
N HIS A 335 34.09 36.75 -22.88
CA HIS A 335 34.66 36.66 -24.23
C HIS A 335 36.19 36.53 -24.23
N ARG A 336 36.80 36.55 -23.05
CA ARG A 336 38.28 36.50 -22.98
C ARG A 336 39.06 35.29 -23.48
N TRP A 337 38.57 34.08 -23.19
CA TRP A 337 39.33 32.87 -23.54
C TRP A 337 38.75 32.15 -24.72
N SER A 338 39.54 32.03 -25.77
CA SER A 338 39.05 31.36 -26.94
C SER A 338 39.58 29.94 -26.96
N PRO A 339 38.89 29.05 -27.69
CA PRO A 339 39.37 27.67 -27.77
C PRO A 339 40.79 27.76 -28.37
N GLY A 340 41.75 27.04 -27.78
CA GLY A 340 43.11 27.05 -28.30
C GLY A 340 44.04 27.98 -27.55
N ALA A 341 43.53 28.86 -26.73
CA ALA A 341 44.37 29.79 -25.98
C ALA A 341 45.17 29.04 -24.89
N TRP A 342 46.45 29.37 -24.76
CA TRP A 342 47.31 28.79 -23.72
C TRP A 342 47.22 29.65 -22.46
N VAL A 343 47.09 28.98 -21.31
CA VAL A 343 46.93 29.67 -20.04
C VAL A 343 47.76 29.15 -18.90
N HIS A 344 47.88 30.04 -17.91
CA HIS A 344 48.59 29.78 -16.67
C HIS A 344 47.45 29.68 -15.66
N MET A 345 47.51 28.70 -14.77
CA MET A 345 46.47 28.52 -13.78
C MET A 345 46.98 28.91 -12.41
N ASN A 346 46.12 29.56 -11.61
CA ASN A 346 46.45 29.93 -10.24
C ASN A 346 45.30 29.44 -9.35
N VAL A 347 45.59 28.47 -8.47
CA VAL A 347 44.57 27.91 -7.57
C VAL A 347 44.59 28.74 -6.31
N THR A 348 43.48 29.40 -6.03
CA THR A 348 43.42 30.28 -4.87
C THR A 348 42.91 29.72 -3.57
N ARG A 349 42.17 28.62 -3.62
CA ARG A 349 41.62 28.01 -2.41
C ARG A 349 41.38 26.53 -2.72
N TRP A 350 41.65 25.68 -1.73
CA TRP A 350 41.53 24.25 -1.99
C TRP A 350 41.35 23.46 -0.70
N PHE A 351 40.99 22.18 -0.84
CA PHE A 351 40.90 21.27 0.30
C PHE A 351 41.75 20.05 -0.07
N ILE A 352 42.34 19.40 0.93
CA ILE A 352 43.11 18.20 0.66
C ILE A 352 42.60 17.15 1.64
N PHE A 353 42.25 15.98 1.10
CA PHE A 353 41.73 14.86 1.88
C PHE A 353 42.48 13.59 1.49
N PRO A 354 42.71 12.69 2.46
CA PRO A 354 43.42 11.47 2.05
C PRO A 354 42.52 10.60 1.21
N ARG A 355 43.13 9.87 0.28
CA ARG A 355 42.39 8.92 -0.56
C ARG A 355 42.13 7.68 0.28
N THR B 14 -22.76 -32.35 -12.05
CA THR B 14 -24.08 -32.20 -12.75
C THR B 14 -24.31 -30.74 -13.10
N ILE B 15 -23.41 -29.85 -12.62
CA ILE B 15 -23.57 -28.42 -12.90
C ILE B 15 -22.30 -27.78 -13.44
N GLU B 16 -22.45 -26.88 -14.40
CA GLU B 16 -21.28 -26.20 -14.95
C GLU B 16 -21.56 -24.81 -15.44
N PHE B 17 -20.66 -23.89 -15.09
CA PHE B 17 -20.80 -22.52 -15.54
C PHE B 17 -19.69 -22.32 -16.58
N VAL B 18 -20.03 -21.71 -17.70
CA VAL B 18 -19.07 -21.46 -18.76
C VAL B 18 -18.99 -19.95 -19.00
N GLY B 19 -17.93 -19.35 -18.50
CA GLY B 19 -17.72 -17.92 -18.66
C GLY B 19 -18.99 -17.13 -18.38
N VAL B 20 -19.65 -17.45 -17.27
CA VAL B 20 -20.87 -16.79 -16.88
C VAL B 20 -20.59 -15.41 -16.33
N GLU B 21 -21.33 -14.43 -16.84
CA GLU B 21 -21.18 -13.06 -16.44
C GLU B 21 -22.55 -12.43 -16.26
N LYS B 22 -22.72 -11.71 -15.15
CA LYS B 22 -23.96 -11.02 -14.81
C LYS B 22 -23.49 -9.91 -13.89
N ILE B 23 -23.37 -8.71 -14.45
CA ILE B 23 -22.85 -7.56 -13.71
C ILE B 23 -23.93 -6.56 -13.28
N TYR B 24 -23.84 -6.11 -12.04
CA TYR B 24 -24.80 -5.14 -11.52
C TYR B 24 -24.04 -3.83 -11.37
N PRO B 25 -24.54 -2.75 -12.00
CA PRO B 25 -23.88 -1.45 -11.93
C PRO B 25 -23.55 -0.97 -10.52
N GLY B 26 -24.20 -1.54 -9.52
CA GLY B 26 -23.95 -1.13 -8.16
C GLY B 26 -22.83 -1.88 -7.48
N GLY B 27 -22.29 -2.89 -8.17
CA GLY B 27 -21.20 -3.68 -7.61
C GLY B 27 -21.69 -5.01 -7.06
N ALA B 28 -22.21 -4.96 -5.83
CA ALA B 28 -22.73 -6.12 -5.12
C ALA B 28 -23.65 -6.97 -6.01
N ARG B 29 -23.48 -8.29 -5.91
CA ARG B 29 -24.25 -9.27 -6.65
C ARG B 29 -23.66 -9.61 -8.02
N SER B 30 -22.71 -8.80 -8.49
CA SER B 30 -22.08 -9.08 -9.80
C SER B 30 -21.35 -10.42 -9.80
N VAL B 31 -21.38 -11.07 -10.95
CA VAL B 31 -20.70 -12.34 -11.17
C VAL B 31 -19.79 -11.95 -12.34
N ARG B 32 -18.47 -12.03 -12.13
CA ARG B 32 -17.53 -11.56 -13.13
C ARG B 32 -16.72 -12.57 -13.95
N GLY B 33 -17.42 -13.31 -14.83
CA GLY B 33 -16.74 -14.28 -15.68
C GLY B 33 -16.34 -15.51 -14.91
N VAL B 34 -17.34 -16.29 -14.50
CA VAL B 34 -17.06 -17.47 -13.71
C VAL B 34 -17.26 -18.81 -14.40
N SER B 35 -16.38 -19.75 -14.09
CA SER B 35 -16.45 -21.10 -14.66
C SER B 35 -16.07 -22.13 -13.60
N PHE B 36 -16.87 -23.18 -13.46
CA PHE B 36 -16.58 -24.23 -12.49
C PHE B 36 -17.38 -25.45 -12.86
N GLN B 37 -16.99 -26.58 -12.32
CA GLN B 37 -17.71 -27.82 -12.59
C GLN B 37 -17.99 -28.50 -11.27
N ILE B 38 -19.28 -28.72 -10.98
CA ILE B 38 -19.67 -29.41 -9.76
C ILE B 38 -19.98 -30.87 -10.12
N ARG B 39 -19.42 -31.79 -9.34
CA ARG B 39 -19.62 -33.23 -9.57
C ARG B 39 -21.01 -33.76 -9.15
N GLU B 40 -21.42 -34.86 -9.78
CA GLU B 40 -22.71 -35.45 -9.46
C GLU B 40 -22.73 -35.99 -8.02
N GLY B 41 -23.83 -35.68 -7.31
CA GLY B 41 -23.97 -36.14 -5.94
C GLY B 41 -23.12 -35.36 -4.96
N GLU B 42 -22.55 -34.26 -5.41
CA GLU B 42 -21.69 -33.48 -4.52
C GLU B 42 -22.53 -32.40 -3.81
N MET B 43 -22.09 -32.01 -2.62
CA MET B 43 -22.77 -30.94 -1.90
C MET B 43 -21.79 -29.76 -1.92
N VAL B 44 -22.10 -28.69 -2.65
CA VAL B 44 -21.18 -27.55 -2.70
C VAL B 44 -21.66 -26.32 -1.96
N GLY B 45 -20.76 -25.70 -1.19
CA GLY B 45 -21.10 -24.48 -0.48
C GLY B 45 -20.56 -23.26 -1.22
N LEU B 46 -21.42 -22.30 -1.49
CA LEU B 46 -20.98 -21.09 -2.14
C LEU B 46 -20.71 -20.15 -0.95
N LEU B 47 -19.42 -20.00 -0.64
CA LEU B 47 -19.00 -19.17 0.50
C LEU B 47 -18.39 -17.82 0.11
N GLY B 48 -18.97 -16.74 0.63
CA GLY B 48 -18.46 -15.41 0.35
C GLY B 48 -19.16 -14.30 1.13
N PRO B 49 -18.60 -13.08 1.09
CA PRO B 49 -19.19 -11.93 1.80
C PRO B 49 -20.52 -11.58 1.15
N SER B 50 -21.33 -10.79 1.85
CA SER B 50 -22.60 -10.35 1.30
C SER B 50 -22.30 -9.62 -0.01
N GLY B 51 -23.05 -9.96 -1.05
CA GLY B 51 -22.88 -9.32 -2.35
C GLY B 51 -21.69 -9.74 -3.18
N SER B 52 -21.02 -10.81 -2.77
CA SER B 52 -19.84 -11.30 -3.47
C SER B 52 -20.16 -12.06 -4.75
N GLY B 53 -21.46 -12.23 -5.05
CA GLY B 53 -21.85 -12.98 -6.22
C GLY B 53 -22.36 -14.39 -5.88
N LYS B 54 -22.24 -14.81 -4.62
CA LYS B 54 -22.71 -16.14 -4.25
C LYS B 54 -24.21 -16.35 -4.45
N THR B 55 -25.02 -15.37 -4.11
CA THR B 55 -26.47 -15.52 -4.27
C THR B 55 -26.87 -15.48 -5.76
N THR B 56 -26.25 -14.57 -6.49
CA THR B 56 -26.52 -14.45 -7.92
C THR B 56 -26.22 -15.79 -8.59
N ILE B 57 -25.11 -16.43 -8.22
CA ILE B 57 -24.73 -17.72 -8.77
C ILE B 57 -25.82 -18.77 -8.48
N LEU B 58 -26.26 -18.86 -7.23
CA LEU B 58 -27.31 -19.80 -6.85
C LEU B 58 -28.55 -19.53 -7.72
N ARG B 59 -28.92 -18.26 -7.88
CA ARG B 59 -30.07 -17.88 -8.69
C ARG B 59 -29.85 -18.16 -10.19
N LEU B 60 -28.60 -18.11 -10.65
CA LEU B 60 -28.28 -18.41 -12.06
C LEU B 60 -28.48 -19.91 -12.32
N ILE B 61 -28.26 -20.74 -11.29
CA ILE B 61 -28.45 -22.17 -11.43
C ILE B 61 -29.95 -22.48 -11.44
N ALA B 62 -30.72 -21.69 -10.68
CA ALA B 62 -32.17 -21.89 -10.60
C ALA B 62 -32.89 -21.41 -11.85
N GLY B 63 -32.34 -20.39 -12.50
CA GLY B 63 -32.98 -19.86 -13.68
C GLY B 63 -33.72 -18.60 -13.28
N LEU B 64 -33.60 -18.24 -12.02
CA LEU B 64 -34.25 -17.03 -11.52
C LEU B 64 -33.56 -15.81 -12.10
N GLU B 65 -32.33 -16.01 -12.56
CA GLU B 65 -31.53 -14.96 -13.18
C GLU B 65 -30.93 -15.56 -14.44
N ARG B 66 -30.62 -14.72 -15.41
CA ARG B 66 -30.03 -15.19 -16.66
C ARG B 66 -28.71 -14.47 -16.91
N PRO B 67 -27.67 -15.21 -17.34
CA PRO B 67 -26.35 -14.63 -17.62
C PRO B 67 -26.30 -13.67 -18.79
N THR B 68 -25.53 -12.59 -18.66
CA THR B 68 -25.36 -11.60 -19.71
C THR B 68 -24.41 -12.16 -20.76
N LYS B 69 -23.61 -13.15 -20.34
CA LYS B 69 -22.64 -13.83 -21.19
C LYS B 69 -22.31 -15.15 -20.51
N GLY B 70 -21.87 -16.14 -21.29
CA GLY B 70 -21.54 -17.42 -20.70
C GLY B 70 -22.78 -18.29 -20.64
N ASP B 71 -22.60 -19.55 -20.28
CA ASP B 71 -23.74 -20.46 -20.21
C ASP B 71 -23.71 -21.35 -18.97
N VAL B 72 -24.89 -21.88 -18.62
CA VAL B 72 -25.03 -22.76 -17.48
C VAL B 72 -25.51 -24.13 -17.92
N TRP B 73 -24.80 -25.16 -17.50
CA TRP B 73 -25.12 -26.53 -17.86
C TRP B 73 -25.50 -27.35 -16.64
N ILE B 74 -26.44 -28.26 -16.84
CA ILE B 74 -26.90 -29.16 -15.80
C ILE B 74 -27.13 -30.54 -16.42
N GLY B 75 -26.39 -31.53 -15.94
CA GLY B 75 -26.52 -32.87 -16.47
C GLY B 75 -26.08 -32.92 -17.93
N GLY B 76 -25.08 -32.12 -18.26
CA GLY B 76 -24.59 -32.06 -19.62
C GLY B 76 -25.60 -31.43 -20.54
N LYS B 77 -26.60 -30.77 -19.95
CA LYS B 77 -27.67 -30.14 -20.70
C LYS B 77 -27.65 -28.61 -20.60
N ARG B 78 -27.35 -27.95 -21.72
CA ARG B 78 -27.33 -26.49 -21.76
C ARG B 78 -28.73 -25.97 -21.42
N VAL B 79 -28.85 -25.31 -20.26
CA VAL B 79 -30.15 -24.82 -19.83
C VAL B 79 -30.19 -23.30 -19.65
N THR B 80 -29.13 -22.62 -20.07
CA THR B 80 -29.03 -21.18 -19.95
C THR B 80 -30.31 -20.39 -20.14
N ASP B 81 -31.08 -20.74 -21.18
CA ASP B 81 -32.31 -20.01 -21.48
C ASP B 81 -33.60 -20.70 -21.05
N LEU B 82 -33.50 -21.69 -20.16
CA LEU B 82 -34.69 -22.37 -19.70
C LEU B 82 -35.14 -21.81 -18.36
N PRO B 83 -36.47 -21.70 -18.14
CA PRO B 83 -36.99 -21.18 -16.88
C PRO B 83 -36.79 -22.17 -15.73
N PRO B 84 -36.96 -21.71 -14.48
CA PRO B 84 -36.81 -22.57 -13.30
C PRO B 84 -37.62 -23.86 -13.41
N GLN B 85 -38.88 -23.72 -13.81
CA GLN B 85 -39.79 -24.84 -13.96
C GLN B 85 -39.25 -25.90 -14.92
N LYS B 86 -38.51 -25.43 -15.94
CA LYS B 86 -37.93 -26.29 -16.96
C LYS B 86 -36.63 -26.99 -16.56
N ARG B 87 -36.11 -26.67 -15.38
CA ARG B 87 -34.87 -27.30 -14.95
C ARG B 87 -35.13 -28.38 -13.93
N ASN B 88 -34.21 -29.34 -13.84
CA ASN B 88 -34.36 -30.45 -12.90
C ASN B 88 -33.79 -30.04 -11.54
N VAL B 89 -34.32 -28.96 -10.99
CA VAL B 89 -33.84 -28.45 -9.71
C VAL B 89 -34.94 -28.12 -8.71
N GLY B 90 -34.70 -28.39 -7.43
CA GLY B 90 -35.68 -28.11 -6.41
C GLY B 90 -35.20 -26.98 -5.53
N LEU B 91 -36.12 -26.14 -5.05
CA LEU B 91 -35.77 -25.01 -4.21
C LEU B 91 -36.16 -25.08 -2.73
N VAL B 92 -35.21 -24.79 -1.86
CA VAL B 92 -35.44 -24.73 -0.40
C VAL B 92 -34.91 -23.32 -0.05
N PHE B 93 -35.74 -22.33 -0.32
CA PHE B 93 -35.38 -20.93 -0.09
C PHE B 93 -36.02 -20.27 1.13
N GLN B 94 -35.38 -19.22 1.62
CA GLN B 94 -35.90 -18.46 2.75
C GLN B 94 -37.01 -17.60 2.13
N ASN B 95 -36.88 -17.41 0.81
CA ASN B 95 -37.82 -16.63 0.00
C ASN B 95 -39.15 -17.36 -0.13
N TYR B 96 -39.13 -18.64 0.21
CA TYR B 96 -40.30 -19.51 0.14
C TYR B 96 -41.25 -19.35 1.34
N ALA B 97 -42.22 -20.25 1.40
CA ALA B 97 -43.19 -20.26 2.47
C ALA B 97 -44.08 -21.46 2.24
N LEU B 98 -44.22 -22.30 3.25
CA LEU B 98 -45.07 -23.47 3.13
C LEU B 98 -46.48 -22.94 2.94
N PHE B 99 -47.32 -23.74 2.28
CA PHE B 99 -48.70 -23.36 2.07
C PHE B 99 -49.40 -23.55 3.41
N GLN B 100 -49.55 -22.45 4.11
CA GLN B 100 -50.13 -22.40 5.44
C GLN B 100 -51.51 -23.02 5.64
N HIS B 101 -52.29 -23.12 4.58
CA HIS B 101 -53.63 -23.65 4.71
C HIS B 101 -53.78 -25.07 4.18
N MET B 102 -52.64 -25.70 3.99
CA MET B 102 -52.56 -27.08 3.50
C MET B 102 -51.85 -27.88 4.57
N THR B 103 -52.24 -29.14 4.72
CA THR B 103 -51.57 -30.00 5.68
C THR B 103 -50.16 -30.31 5.15
N VAL B 104 -49.37 -30.87 6.04
CA VAL B 104 -48.03 -31.27 5.72
C VAL B 104 -48.11 -32.21 4.54
N TYR B 105 -48.99 -33.19 4.60
CA TYR B 105 -49.13 -34.15 3.51
C TYR B 105 -49.36 -33.45 2.16
N ASP B 106 -50.27 -32.50 2.14
CA ASP B 106 -50.58 -31.83 0.89
C ASP B 106 -49.48 -30.88 0.43
N ASN B 107 -48.77 -30.29 1.38
CA ASN B 107 -47.67 -29.39 1.04
C ASN B 107 -46.62 -30.19 0.30
N VAL B 108 -46.33 -31.39 0.81
CA VAL B 108 -45.33 -32.27 0.23
C VAL B 108 -45.71 -32.96 -1.09
N SER B 109 -47.00 -33.20 -1.31
CA SER B 109 -47.43 -33.88 -2.53
C SER B 109 -47.49 -32.91 -3.71
N PHE B 110 -47.51 -31.62 -3.40
CA PHE B 110 -47.55 -30.55 -4.39
C PHE B 110 -46.73 -30.80 -5.68
N GLY B 111 -45.45 -31.13 -5.51
CA GLY B 111 -44.58 -31.37 -6.67
C GLY B 111 -44.96 -32.56 -7.54
N LEU B 112 -45.21 -33.70 -6.92
CA LEU B 112 -45.59 -34.90 -7.64
C LEU B 112 -46.91 -34.63 -8.35
N ARG B 113 -47.69 -33.73 -7.77
CA ARG B 113 -48.98 -33.35 -8.28
C ARG B 113 -48.93 -32.80 -9.69
N GLU B 114 -47.75 -32.36 -10.14
CA GLU B 114 -47.67 -31.82 -11.49
C GLU B 114 -46.97 -32.72 -12.50
N LYS B 115 -46.37 -33.80 -12.05
CA LYS B 115 -45.70 -34.71 -12.97
C LYS B 115 -46.71 -35.72 -13.55
N ARG B 116 -47.99 -35.43 -13.34
CA ARG B 116 -49.08 -36.28 -13.80
C ARG B 116 -49.01 -37.70 -13.21
N VAL B 117 -48.30 -37.84 -12.10
CA VAL B 117 -48.16 -39.13 -11.43
C VAL B 117 -49.55 -39.55 -10.95
N PRO B 118 -49.96 -40.80 -11.26
CA PRO B 118 -51.28 -41.29 -10.83
C PRO B 118 -51.41 -41.25 -9.30
N LYS B 119 -52.63 -41.17 -8.81
CA LYS B 119 -52.86 -41.09 -7.36
C LYS B 119 -52.14 -42.08 -6.47
N ASP B 120 -52.23 -43.37 -6.77
CA ASP B 120 -51.56 -44.36 -5.93
C ASP B 120 -50.07 -44.16 -5.74
N GLU B 121 -49.39 -43.86 -6.84
CA GLU B 121 -47.94 -43.65 -6.82
C GLU B 121 -47.58 -42.31 -6.15
N MET B 122 -48.40 -41.27 -6.35
CA MET B 122 -48.12 -40.00 -5.69
C MET B 122 -48.13 -40.22 -4.18
N ASP B 123 -49.15 -40.95 -3.73
CA ASP B 123 -49.32 -41.28 -2.32
C ASP B 123 -48.19 -42.03 -1.68
N ALA B 124 -47.70 -43.06 -2.36
CA ALA B 124 -46.59 -43.84 -1.85
C ALA B 124 -45.31 -43.00 -1.77
N ARG B 125 -45.14 -42.10 -2.74
CA ARG B 125 -43.96 -41.22 -2.81
C ARG B 125 -43.99 -40.30 -1.58
N VAL B 126 -45.16 -39.72 -1.33
CA VAL B 126 -45.32 -38.81 -0.19
C VAL B 126 -45.09 -39.49 1.13
N ARG B 127 -45.71 -40.65 1.33
CA ARG B 127 -45.55 -41.35 2.58
C ARG B 127 -44.10 -41.73 2.78
N GLU B 128 -43.43 -41.99 1.66
CA GLU B 128 -42.03 -42.36 1.66
C GLU B 128 -41.21 -41.21 2.27
N LEU B 129 -41.40 -40.01 1.71
CA LEU B 129 -40.68 -38.83 2.16
C LEU B 129 -40.99 -38.48 3.62
N LEU B 130 -42.26 -38.54 3.98
CA LEU B 130 -42.66 -38.19 5.35
C LEU B 130 -42.02 -39.10 6.41
N ARG B 131 -41.97 -40.40 6.17
CA ARG B 131 -41.36 -41.27 7.15
C ARG B 131 -39.85 -41.06 7.16
N PHE B 132 -39.25 -40.89 5.99
CA PHE B 132 -37.81 -40.67 5.98
C PHE B 132 -37.45 -39.46 6.81
N MET B 133 -38.22 -38.38 6.65
CA MET B 133 -37.92 -37.17 7.39
C MET B 133 -38.58 -36.98 8.76
N ARG B 134 -39.05 -38.07 9.35
CA ARG B 134 -39.64 -38.01 10.67
C ARG B 134 -40.78 -37.01 10.76
N LEU B 135 -41.64 -37.00 9.75
CA LEU B 135 -42.80 -36.10 9.72
C LEU B 135 -44.10 -36.88 9.61
N GLU B 136 -44.07 -38.18 9.90
CA GLU B 136 -45.29 -38.97 9.79
C GLU B 136 -46.30 -38.51 10.87
N SER B 137 -45.84 -38.34 12.10
CA SER B 137 -46.74 -37.89 13.15
C SER B 137 -47.30 -36.49 12.88
N TYR B 138 -46.79 -35.81 11.86
CA TYR B 138 -47.26 -34.46 11.54
C TYR B 138 -47.99 -34.32 10.20
N ALA B 139 -48.24 -35.45 9.52
CA ALA B 139 -48.90 -35.45 8.21
C ALA B 139 -50.21 -34.66 8.14
N ASN B 140 -51.07 -34.85 9.14
CA ASN B 140 -52.35 -34.16 9.15
C ASN B 140 -52.34 -32.83 9.91
N ARG B 141 -51.15 -32.29 10.15
CA ARG B 141 -51.06 -31.00 10.84
C ARG B 141 -50.83 -29.89 9.81
N PHE B 142 -51.15 -28.65 10.18
CA PHE B 142 -50.90 -27.51 9.29
C PHE B 142 -49.60 -26.86 9.73
N PRO B 143 -48.88 -26.18 8.83
CA PRO B 143 -47.60 -25.52 9.14
C PRO B 143 -47.55 -24.73 10.46
N HIS B 144 -48.59 -23.96 10.78
CA HIS B 144 -48.59 -23.17 12.00
C HIS B 144 -48.57 -24.01 13.29
N GLU B 145 -48.88 -25.30 13.16
CA GLU B 145 -48.90 -26.21 14.30
C GLU B 145 -47.54 -26.82 14.62
N LEU B 146 -46.58 -26.57 13.74
CA LEU B 146 -45.24 -27.11 13.86
C LEU B 146 -44.20 -26.07 14.27
N SER B 147 -43.07 -26.53 14.79
CA SER B 147 -41.97 -25.64 15.16
C SER B 147 -41.30 -25.23 13.84
N GLY B 148 -40.51 -24.16 13.88
CA GLY B 148 -39.81 -23.72 12.68
C GLY B 148 -38.94 -24.85 12.18
N GLY B 149 -38.32 -25.57 13.11
CA GLY B 149 -37.46 -26.69 12.72
C GLY B 149 -38.22 -27.69 11.89
N GLN B 150 -39.41 -28.08 12.36
CA GLN B 150 -40.22 -29.05 11.63
C GLN B 150 -40.69 -28.45 10.29
N GLN B 151 -40.97 -27.15 10.26
CA GLN B 151 -41.41 -26.52 9.02
C GLN B 151 -40.34 -26.60 7.93
N GLN B 152 -39.07 -26.56 8.33
CA GLN B 152 -37.96 -26.67 7.36
C GLN B 152 -37.89 -28.11 6.85
N ARG B 153 -38.17 -29.08 7.72
CA ARG B 153 -38.14 -30.45 7.24
C ARG B 153 -39.24 -30.63 6.17
N VAL B 154 -40.37 -29.97 6.36
CA VAL B 154 -41.47 -30.09 5.40
C VAL B 154 -41.09 -29.43 4.08
N ALA B 155 -40.41 -28.29 4.14
CA ALA B 155 -40.00 -27.58 2.94
C ALA B 155 -39.02 -28.44 2.12
N LEU B 156 -38.11 -29.11 2.82
CA LEU B 156 -37.16 -29.97 2.11
C LEU B 156 -37.92 -31.15 1.48
N ALA B 157 -38.96 -31.64 2.15
CA ALA B 157 -39.74 -32.76 1.60
C ALA B 157 -40.47 -32.34 0.31
N ARG B 158 -41.10 -31.17 0.33
CA ARG B 158 -41.81 -30.60 -0.83
C ARG B 158 -40.86 -30.45 -2.01
N ALA B 159 -39.69 -29.90 -1.76
CA ALA B 159 -38.69 -29.69 -2.82
C ALA B 159 -38.24 -31.01 -3.43
N LEU B 160 -38.10 -32.04 -2.60
CA LEU B 160 -37.63 -33.34 -3.06
C LEU B 160 -38.64 -34.26 -3.71
N ALA B 161 -39.91 -34.07 -3.38
CA ALA B 161 -40.97 -34.93 -3.92
C ALA B 161 -40.80 -35.34 -5.38
N PRO B 162 -40.68 -34.36 -6.30
CA PRO B 162 -40.51 -34.59 -7.74
C PRO B 162 -39.21 -35.25 -8.15
N ARG B 163 -38.32 -35.50 -7.19
CA ARG B 163 -37.05 -36.15 -7.48
C ARG B 163 -36.14 -35.20 -8.30
N PRO B 164 -35.91 -33.97 -7.82
CA PRO B 164 -35.05 -33.04 -8.57
C PRO B 164 -33.65 -33.55 -8.76
N GLN B 165 -32.99 -33.06 -9.80
CA GLN B 165 -31.61 -33.45 -10.10
C GLN B 165 -30.70 -32.62 -9.19
N VAL B 166 -31.05 -31.35 -9.05
CA VAL B 166 -30.30 -30.40 -8.24
C VAL B 166 -31.16 -29.82 -7.11
N LEU B 167 -30.53 -29.65 -5.96
CA LEU B 167 -31.18 -29.11 -4.77
C LEU B 167 -30.43 -27.80 -4.43
N LEU B 168 -31.17 -26.69 -4.38
CA LEU B 168 -30.59 -25.38 -4.06
C LEU B 168 -31.08 -24.78 -2.73
N PHE B 169 -30.16 -24.40 -1.86
CA PHE B 169 -30.55 -23.81 -0.55
C PHE B 169 -30.12 -22.36 -0.48
N ASP B 170 -31.05 -21.43 -0.26
CA ASP B 170 -30.67 -20.03 -0.14
C ASP B 170 -30.83 -19.55 1.32
N GLU B 171 -29.83 -19.86 2.16
CA GLU B 171 -29.81 -19.46 3.57
C GLU B 171 -31.20 -19.63 4.20
N PRO B 172 -31.84 -20.79 3.97
CA PRO B 172 -33.18 -21.04 4.53
C PRO B 172 -33.26 -21.04 6.06
N PHE B 173 -32.12 -21.14 6.72
CA PHE B 173 -32.08 -21.23 8.17
C PHE B 173 -31.80 -19.92 8.92
N ALA B 174 -31.77 -18.80 8.20
CA ALA B 174 -31.55 -17.51 8.85
C ALA B 174 -32.79 -17.20 9.69
N ALA B 175 -32.64 -16.34 10.69
CA ALA B 175 -33.77 -16.00 11.56
C ALA B 175 -34.13 -17.22 12.42
N ILE B 176 -33.16 -18.13 12.54
CA ILE B 176 -33.31 -19.37 13.32
C ILE B 176 -32.36 -19.29 14.53
N ASP B 177 -32.70 -19.98 15.61
CA ASP B 177 -31.84 -20.01 16.79
C ASP B 177 -30.61 -20.84 16.42
N THR B 178 -29.45 -20.41 16.92
CA THR B 178 -28.18 -21.09 16.68
C THR B 178 -28.21 -22.62 16.86
N GLN B 179 -28.81 -23.09 17.93
CA GLN B 179 -28.84 -24.52 18.19
C GLN B 179 -29.66 -25.31 17.19
N ILE B 180 -30.81 -24.77 16.83
CA ILE B 180 -31.68 -25.45 15.86
C ILE B 180 -31.05 -25.39 14.47
N ARG B 181 -30.39 -24.27 14.17
CA ARG B 181 -29.71 -24.10 12.88
C ARG B 181 -28.68 -25.23 12.73
N ARG B 182 -27.97 -25.52 13.82
CA ARG B 182 -26.95 -26.56 13.78
C ARG B 182 -27.57 -27.95 13.62
N GLU B 183 -28.70 -28.20 14.27
CA GLU B 183 -29.33 -29.51 14.12
C GLU B 183 -29.83 -29.61 12.70
N LEU B 184 -30.34 -28.50 12.16
CA LEU B 184 -30.83 -28.52 10.79
C LEU B 184 -29.75 -28.86 9.76
N ARG B 185 -28.58 -28.23 9.85
CA ARG B 185 -27.55 -28.51 8.86
C ARG B 185 -27.13 -29.98 8.92
N THR B 186 -27.14 -30.58 10.11
CA THR B 186 -26.77 -31.98 10.24
C THR B 186 -27.83 -32.84 9.57
N PHE B 187 -29.08 -32.39 9.63
CA PHE B 187 -30.18 -33.12 9.03
C PHE B 187 -30.12 -33.04 7.50
N VAL B 188 -29.92 -31.83 7.00
CA VAL B 188 -29.84 -31.60 5.56
C VAL B 188 -28.71 -32.46 4.99
N ARG B 189 -27.60 -32.54 5.72
CA ARG B 189 -26.48 -33.35 5.26
C ARG B 189 -26.88 -34.83 5.22
N GLN B 190 -27.49 -35.33 6.29
CA GLN B 190 -27.88 -36.74 6.30
C GLN B 190 -28.88 -37.03 5.16
N VAL B 191 -29.80 -36.11 4.93
CA VAL B 191 -30.75 -36.30 3.86
C VAL B 191 -30.01 -36.35 2.51
N HIS B 192 -29.13 -35.37 2.28
CA HIS B 192 -28.35 -35.33 1.04
C HIS B 192 -27.63 -36.65 0.76
N ASP B 193 -26.95 -37.17 1.76
CA ASP B 193 -26.22 -38.40 1.58
C ASP B 193 -27.16 -39.53 1.26
N GLU B 194 -28.38 -39.43 1.76
CA GLU B 194 -29.37 -40.46 1.51
C GLU B 194 -29.94 -40.39 0.11
N MET B 195 -30.46 -39.22 -0.26
CA MET B 195 -31.07 -39.05 -1.58
C MET B 195 -30.08 -39.08 -2.75
N GLY B 196 -28.79 -38.95 -2.46
CA GLY B 196 -27.77 -38.99 -3.50
C GLY B 196 -27.84 -37.91 -4.57
N VAL B 197 -28.53 -36.81 -4.27
CA VAL B 197 -28.70 -35.70 -5.18
C VAL B 197 -27.47 -34.78 -5.22
N THR B 198 -27.51 -33.74 -6.04
CA THR B 198 -26.43 -32.75 -6.17
C THR B 198 -26.96 -31.52 -5.42
N SER B 199 -26.22 -31.01 -4.44
CA SER B 199 -26.72 -29.88 -3.67
C SER B 199 -25.75 -28.68 -3.61
N VAL B 200 -26.31 -27.48 -3.67
CA VAL B 200 -25.53 -26.25 -3.60
C VAL B 200 -26.21 -25.34 -2.57
N PHE B 201 -25.45 -24.76 -1.65
CA PHE B 201 -26.06 -23.87 -0.67
C PHE B 201 -25.22 -22.60 -0.56
N VAL B 202 -25.87 -21.51 -0.16
CA VAL B 202 -25.22 -20.22 -0.01
C VAL B 202 -24.91 -19.97 1.45
N THR B 203 -23.76 -19.37 1.74
CA THR B 203 -23.41 -19.09 3.13
C THR B 203 -22.28 -18.06 3.29
N HIS B 204 -22.36 -17.28 4.37
CA HIS B 204 -21.31 -16.31 4.65
C HIS B 204 -20.56 -16.76 5.91
N ASP B 205 -20.85 -17.98 6.34
CA ASP B 205 -20.27 -18.59 7.55
C ASP B 205 -19.26 -19.70 7.17
N GLN B 206 -17.97 -19.41 7.26
CA GLN B 206 -16.99 -20.39 6.86
C GLN B 206 -17.07 -21.68 7.67
N GLU B 207 -17.46 -21.60 8.94
CA GLU B 207 -17.54 -22.81 9.75
C GLU B 207 -18.60 -23.75 9.18
N GLU B 208 -19.74 -23.18 8.79
CA GLU B 208 -20.81 -23.98 8.21
C GLU B 208 -20.34 -24.66 6.93
N ALA B 209 -19.58 -23.94 6.12
CA ALA B 209 -19.06 -24.50 4.87
C ALA B 209 -18.13 -25.68 5.13
N LEU B 210 -17.20 -25.54 6.06
CA LEU B 210 -16.27 -26.64 6.37
C LEU B 210 -17.01 -27.86 6.90
N GLU B 211 -18.05 -27.58 7.69
CA GLU B 211 -18.81 -28.65 8.30
C GLU B 211 -19.63 -29.55 7.40
N VAL B 212 -20.31 -28.97 6.42
CA VAL B 212 -21.15 -29.80 5.57
C VAL B 212 -20.78 -29.96 4.12
N ALA B 213 -19.95 -29.08 3.57
CA ALA B 213 -19.62 -29.20 2.14
C ALA B 213 -18.53 -30.18 1.75
N ASP B 214 -18.70 -30.79 0.57
CA ASP B 214 -17.70 -31.70 0.01
C ASP B 214 -16.57 -30.79 -0.49
N ARG B 215 -16.96 -29.74 -1.20
CA ARG B 215 -16.01 -28.72 -1.69
C ARG B 215 -16.64 -27.33 -1.54
N VAL B 216 -15.78 -26.35 -1.36
CA VAL B 216 -16.21 -24.98 -1.14
C VAL B 216 -15.76 -24.06 -2.25
N LEU B 217 -16.71 -23.27 -2.76
CA LEU B 217 -16.43 -22.29 -3.78
C LEU B 217 -16.35 -20.91 -3.07
N VAL B 218 -15.13 -20.40 -2.88
CA VAL B 218 -14.95 -19.12 -2.22
C VAL B 218 -15.09 -17.98 -3.25
N LEU B 219 -16.04 -17.09 -2.98
CA LEU B 219 -16.31 -15.97 -3.85
C LEU B 219 -15.85 -14.66 -3.21
N HIS B 220 -15.38 -13.77 -4.06
CA HIS B 220 -14.93 -12.46 -3.61
C HIS B 220 -15.04 -11.48 -4.77
N GLU B 221 -15.81 -10.43 -4.58
CA GLU B 221 -15.97 -9.42 -5.61
C GLU B 221 -16.39 -10.01 -6.93
N GLY B 222 -17.19 -11.07 -6.87
CA GLY B 222 -17.70 -11.69 -8.08
C GLY B 222 -16.77 -12.66 -8.79
N ASN B 223 -15.63 -12.98 -8.20
CA ASN B 223 -14.69 -13.92 -8.79
C ASN B 223 -14.48 -15.11 -7.87
N VAL B 224 -14.14 -16.25 -8.45
CA VAL B 224 -13.85 -17.45 -7.69
C VAL B 224 -12.40 -17.36 -7.21
N GLU B 225 -12.21 -17.29 -5.90
CA GLU B 225 -10.88 -17.22 -5.32
C GLU B 225 -10.27 -18.61 -5.28
N GLN B 226 -11.08 -19.61 -4.93
CA GLN B 226 -10.61 -20.99 -4.85
C GLN B 226 -11.81 -21.93 -4.79
N PHE B 227 -11.60 -23.15 -5.22
CA PHE B 227 -12.66 -24.16 -5.23
C PHE B 227 -11.96 -25.44 -4.80
N GLY B 228 -12.15 -25.82 -3.54
CA GLY B 228 -11.50 -27.01 -3.03
C GLY B 228 -12.18 -27.60 -1.81
N THR B 229 -11.61 -28.69 -1.28
CA THR B 229 -12.15 -29.34 -0.11
C THR B 229 -11.89 -28.49 1.13
N PRO B 230 -12.60 -28.76 2.22
CA PRO B 230 -12.44 -28.02 3.47
C PRO B 230 -10.97 -27.97 3.88
N GLU B 231 -10.31 -29.11 3.77
CA GLU B 231 -8.91 -29.17 4.15
C GLU B 231 -8.09 -28.34 3.17
N GLU B 232 -8.41 -28.45 1.89
CA GLU B 232 -7.70 -27.69 0.89
C GLU B 232 -7.76 -26.19 1.17
N VAL B 233 -8.97 -25.63 1.28
CA VAL B 233 -9.10 -24.20 1.51
C VAL B 233 -8.55 -23.73 2.86
N TYR B 234 -8.49 -24.61 3.85
CA TYR B 234 -7.99 -24.25 5.18
C TYR B 234 -6.47 -24.38 5.29
N GLU B 235 -5.91 -25.48 4.81
CA GLU B 235 -4.48 -25.71 4.91
C GLU B 235 -3.66 -25.17 3.74
N LYS B 236 -4.27 -25.08 2.56
CA LYS B 236 -3.61 -24.59 1.36
C LYS B 236 -4.39 -23.44 0.69
N PRO B 237 -4.64 -22.36 1.43
CA PRO B 237 -5.37 -21.22 0.87
C PRO B 237 -4.65 -20.66 -0.38
N GLY B 238 -5.40 -20.47 -1.45
CA GLY B 238 -4.80 -19.99 -2.68
C GLY B 238 -4.49 -18.50 -2.68
N THR B 239 -5.21 -17.73 -1.86
CA THR B 239 -4.96 -16.31 -1.81
C THR B 239 -5.06 -15.81 -0.39
N LEU B 240 -4.62 -14.57 -0.18
CA LEU B 240 -4.69 -14.00 1.14
C LEU B 240 -6.16 -13.95 1.56
N PHE B 241 -7.05 -13.69 0.60
CA PHE B 241 -8.48 -13.63 0.94
C PHE B 241 -8.96 -14.96 1.51
N VAL B 242 -8.62 -16.07 0.84
CA VAL B 242 -9.03 -17.39 1.33
C VAL B 242 -8.42 -17.63 2.70
N ALA B 243 -7.15 -17.27 2.84
CA ALA B 243 -6.45 -17.44 4.09
C ALA B 243 -7.09 -16.67 5.24
N SER B 244 -7.59 -15.49 4.94
CA SER B 244 -8.21 -14.63 5.95
C SER B 244 -9.70 -14.86 6.11
N PHE B 245 -10.33 -15.54 5.17
CA PHE B 245 -11.78 -15.76 5.26
C PHE B 245 -12.17 -17.15 5.79
N ILE B 246 -11.29 -18.14 5.64
CA ILE B 246 -11.54 -19.51 6.14
C ILE B 246 -10.76 -19.70 7.43
N GLY B 247 -11.39 -20.29 8.43
CA GLY B 247 -10.73 -20.49 9.72
C GLY B 247 -10.54 -19.14 10.36
N GLU B 248 -9.79 -19.11 11.45
CA GLU B 248 -9.53 -17.87 12.15
C GLU B 248 -8.09 -17.47 11.90
N SER B 249 -7.80 -16.18 11.98
CA SER B 249 -6.43 -15.75 11.72
C SER B 249 -6.04 -14.41 12.29
N ASN B 250 -4.73 -14.26 12.48
CA ASN B 250 -4.15 -13.00 12.90
C ASN B 250 -3.50 -12.64 11.56
N VAL B 251 -3.73 -11.44 11.07
CA VAL B 251 -3.13 -11.04 9.80
C VAL B 251 -2.45 -9.70 10.00
N TRP B 252 -1.17 -9.64 9.64
CA TRP B 252 -0.42 -8.40 9.81
C TRP B 252 0.54 -8.17 8.67
N THR B 253 0.93 -6.91 8.50
CA THR B 253 1.84 -6.55 7.43
C THR B 253 3.25 -6.55 8.01
N ARG B 254 4.19 -6.95 7.18
CA ARG B 254 5.61 -6.91 7.56
C ARG B 254 6.33 -6.59 6.28
N ALA B 255 7.48 -5.91 6.40
CA ALA B 255 8.27 -5.56 5.22
C ALA B 255 9.41 -6.58 5.19
N VAL B 256 9.78 -7.03 4.00
CA VAL B 256 10.84 -8.00 3.88
C VAL B 256 12.23 -7.33 3.92
N GLN B 257 13.14 -7.85 4.73
CA GLN B 257 14.51 -7.33 4.78
C GLN B 257 15.42 -8.53 5.07
N ASN B 258 16.50 -8.66 4.30
CA ASN B 258 17.44 -9.78 4.44
C ASN B 258 16.72 -11.12 4.24
N GLY B 259 15.80 -11.14 3.28
CA GLY B 259 15.01 -12.34 2.97
C GLY B 259 14.12 -12.92 4.07
N ARG B 260 13.71 -12.08 5.02
CA ARG B 260 12.87 -12.55 6.12
C ARG B 260 12.00 -11.44 6.72
N ILE B 261 11.04 -11.83 7.54
CA ILE B 261 10.23 -10.86 8.25
C ILE B 261 10.35 -11.22 9.73
N GLU B 262 10.15 -10.25 10.60
CA GLU B 262 10.26 -10.46 12.04
C GLU B 262 8.89 -10.61 12.69
N VAL B 263 8.62 -11.79 13.22
CA VAL B 263 7.36 -12.06 13.88
C VAL B 263 7.62 -12.60 15.29
N ALA B 264 7.28 -11.79 16.29
CA ALA B 264 7.45 -12.17 17.70
C ALA B 264 8.86 -12.66 18.05
N GLY B 265 9.88 -11.87 17.74
CA GLY B 265 11.23 -12.28 18.04
C GLY B 265 11.66 -13.52 17.25
N ALA B 266 11.09 -13.69 16.07
CA ALA B 266 11.45 -14.82 15.24
C ALA B 266 11.58 -14.33 13.82
N ALA B 267 12.58 -14.83 13.11
CA ALA B 267 12.80 -14.46 11.73
C ALA B 267 12.18 -15.53 10.85
N LEU B 268 11.10 -15.16 10.16
CA LEU B 268 10.42 -16.10 9.28
C LEU B 268 10.99 -15.89 7.89
N PRO B 269 11.59 -16.93 7.30
CA PRO B 269 12.16 -16.76 5.97
C PRO B 269 11.05 -16.51 4.99
N VAL B 270 11.36 -15.70 3.98
CA VAL B 270 10.41 -15.36 2.93
C VAL B 270 10.88 -15.97 1.64
N ASP B 271 9.95 -16.47 0.85
CA ASP B 271 10.30 -17.05 -0.43
C ASP B 271 11.14 -16.06 -1.22
N PRO B 272 12.25 -16.53 -1.83
CA PRO B 272 13.13 -15.69 -2.63
C PRO B 272 12.48 -14.91 -3.76
N ALA B 273 11.27 -15.30 -4.18
CA ALA B 273 10.56 -14.59 -5.26
C ALA B 273 9.94 -13.27 -4.80
N VAL B 274 9.94 -13.05 -3.49
CA VAL B 274 9.40 -11.80 -2.96
C VAL B 274 10.63 -10.91 -2.82
N SER B 275 10.55 -9.72 -3.41
CA SER B 275 11.65 -8.76 -3.39
C SER B 275 11.95 -8.08 -2.06
N GLU B 276 13.22 -7.72 -1.86
CA GLU B 276 13.62 -6.99 -0.66
C GLU B 276 12.78 -5.70 -0.63
N GLY B 277 12.33 -5.30 0.56
CA GLY B 277 11.57 -4.06 0.68
C GLY B 277 10.08 -4.11 0.37
N SER B 278 9.61 -5.20 -0.20
CA SER B 278 8.18 -5.32 -0.51
C SER B 278 7.42 -5.69 0.75
N GLU B 279 6.12 -5.40 0.80
CA GLU B 279 5.33 -5.74 1.99
C GLU B 279 4.56 -7.06 1.78
N VAL B 280 4.41 -7.83 2.86
CA VAL B 280 3.66 -9.10 2.78
C VAL B 280 2.71 -9.12 3.96
N ALA B 281 1.71 -9.99 3.88
CA ALA B 281 0.76 -10.20 4.96
C ALA B 281 1.21 -11.50 5.59
N VAL B 282 1.42 -11.50 6.90
CA VAL B 282 1.77 -12.73 7.57
C VAL B 282 0.43 -13.19 8.16
N VAL B 283 0.08 -14.46 7.95
CA VAL B 283 -1.18 -15.00 8.48
C VAL B 283 -0.84 -16.11 9.48
N VAL B 284 -1.27 -15.94 10.73
CA VAL B 284 -0.99 -16.94 11.76
C VAL B 284 -2.27 -17.26 12.51
N ARG B 285 -2.66 -18.53 12.50
CA ARG B 285 -3.88 -18.94 13.18
C ARG B 285 -3.70 -18.95 14.70
N PRO B 286 -4.73 -18.51 15.44
CA PRO B 286 -4.67 -18.44 16.90
C PRO B 286 -4.13 -19.69 17.61
N LYS B 287 -4.47 -20.85 17.09
CA LYS B 287 -4.03 -22.11 17.67
C LYS B 287 -2.53 -22.35 17.43
N ASP B 288 -1.97 -21.69 16.42
CA ASP B 288 -0.56 -21.86 16.06
C ASP B 288 0.45 -20.97 16.75
N VAL B 289 0.09 -20.44 17.91
CA VAL B 289 0.97 -19.56 18.67
C VAL B 289 1.03 -20.08 20.11
N GLU B 290 2.24 -20.26 20.65
CA GLU B 290 2.39 -20.75 22.02
C GLU B 290 2.91 -19.68 22.96
N LEU B 291 2.36 -19.63 24.17
CA LEU B 291 2.75 -18.64 25.15
C LEU B 291 3.53 -19.23 26.32
N GLN B 292 4.54 -18.50 26.76
CA GLN B 292 5.39 -18.92 27.86
C GLN B 292 5.66 -17.67 28.66
N PRO B 293 5.57 -17.75 30.00
CA PRO B 293 5.79 -16.61 30.89
C PRO B 293 7.10 -15.87 30.59
N ALA B 294 7.17 -14.61 31.01
CA ALA B 294 8.35 -13.80 30.79
C ALA B 294 8.28 -12.46 31.52
N SER B 295 9.42 -11.80 31.61
CA SER B 295 9.52 -10.49 32.26
C SER B 295 9.15 -9.42 31.23
N GLU B 296 8.57 -8.32 31.68
CA GLU B 296 8.20 -7.22 30.79
C GLU B 296 9.46 -6.91 29.97
N ARG B 297 10.56 -6.78 30.69
CA ARG B 297 11.87 -6.53 30.15
C ARG B 297 12.03 -7.08 28.74
N GLU B 298 11.88 -8.40 28.62
CA GLU B 298 12.05 -9.09 27.36
C GLU B 298 10.77 -9.66 26.77
N ALA B 299 9.66 -9.54 27.49
CA ALA B 299 8.37 -10.07 27.03
C ALA B 299 7.96 -9.49 25.69
N HIS B 300 7.22 -10.29 24.91
CA HIS B 300 6.72 -9.89 23.59
C HIS B 300 5.38 -9.19 23.72
N ALA B 301 4.55 -9.68 24.64
CA ALA B 301 3.23 -9.11 24.81
C ALA B 301 2.73 -9.14 26.24
N GLN B 302 1.60 -8.49 26.44
CA GLN B 302 0.98 -8.45 27.76
C GLN B 302 -0.46 -8.90 27.52
N VAL B 303 -0.94 -9.77 28.40
CA VAL B 303 -2.28 -10.32 28.25
C VAL B 303 -3.36 -9.31 28.55
N VAL B 304 -4.28 -9.15 27.59
CA VAL B 304 -5.39 -8.24 27.79
C VAL B 304 -6.39 -9.09 28.57
N ARG B 305 -6.71 -10.26 28.04
CA ARG B 305 -7.63 -11.14 28.76
C ARG B 305 -7.80 -12.50 28.11
N SER B 306 -8.50 -13.38 28.83
CA SER B 306 -8.77 -14.74 28.36
C SER B 306 -10.26 -15.06 28.49
N ALA B 307 -10.71 -16.05 27.70
CA ALA B 307 -12.11 -16.48 27.73
C ALA B 307 -12.13 -17.99 27.51
N PHE B 308 -12.75 -18.69 28.45
CA PHE B 308 -12.85 -20.14 28.36
C PHE B 308 -13.89 -20.50 27.30
N LYS B 309 -13.50 -21.24 26.28
CA LYS B 309 -14.49 -21.58 25.26
C LYS B 309 -14.80 -23.07 25.15
N GLY B 310 -14.44 -23.82 26.18
CA GLY B 310 -14.72 -25.25 26.19
C GLY B 310 -13.54 -26.11 25.78
N SER B 311 -13.39 -26.33 24.48
CA SER B 311 -12.31 -27.14 23.94
C SER B 311 -10.98 -26.38 23.98
N TYR B 312 -11.04 -25.08 24.25
CA TYR B 312 -9.83 -24.27 24.29
C TYR B 312 -10.14 -22.95 24.96
N SER B 313 -9.08 -22.28 25.41
CA SER B 313 -9.20 -20.98 26.04
C SER B 313 -8.68 -19.93 25.06
N ALA B 314 -9.43 -18.86 24.88
CA ALA B 314 -9.02 -17.81 23.96
C ALA B 314 -8.24 -16.78 24.76
N CYS B 315 -7.08 -16.41 24.26
CA CYS B 315 -6.27 -15.42 24.95
C CYS B 315 -5.86 -14.26 24.02
N TRP B 316 -6.24 -13.05 24.38
CA TRP B 316 -5.87 -11.88 23.62
C TRP B 316 -4.67 -11.19 24.29
N ILE B 317 -3.65 -10.91 23.51
CA ILE B 317 -2.42 -10.25 24.00
C ILE B 317 -2.03 -9.06 23.11
N ARG B 318 -1.41 -8.05 23.72
CA ARG B 318 -0.97 -6.85 23.01
C ARG B 318 0.54 -6.78 23.01
N THR B 319 1.13 -6.79 21.82
CA THR B 319 2.58 -6.71 21.68
C THR B 319 3.08 -5.33 22.04
N LYS B 320 4.39 -5.20 22.09
CA LYS B 320 5.04 -3.92 22.39
C LYS B 320 4.63 -2.88 21.34
N ASP B 321 4.54 -3.32 20.09
CA ASP B 321 4.16 -2.49 18.95
C ASP B 321 2.66 -2.19 18.88
N GLY B 322 1.89 -2.69 19.85
CA GLY B 322 0.47 -2.40 19.87
C GLY B 322 -0.45 -3.33 19.07
N GLU B 323 0.08 -4.45 18.63
CA GLU B 323 -0.73 -5.40 17.90
C GLU B 323 -1.47 -6.29 18.89
N VAL B 324 -2.79 -6.44 18.70
CA VAL B 324 -3.56 -7.30 19.58
C VAL B 324 -3.75 -8.62 18.85
N TRP B 325 -3.12 -9.66 19.37
CA TRP B 325 -3.19 -11.00 18.79
C TRP B 325 -4.16 -11.90 19.55
N GLU B 326 -4.82 -12.79 18.83
CA GLU B 326 -5.72 -13.76 19.44
C GLU B 326 -5.00 -15.10 19.37
N VAL B 327 -4.90 -15.75 20.52
CA VAL B 327 -4.22 -17.02 20.63
C VAL B 327 -5.17 -18.03 21.28
N HIS B 328 -5.10 -19.28 20.81
CA HIS B 328 -5.93 -20.34 21.38
C HIS B 328 -5.05 -21.33 22.12
N VAL B 329 -5.22 -21.43 23.44
CA VAL B 329 -4.41 -22.39 24.21
C VAL B 329 -5.29 -23.54 24.70
N PRO B 330 -4.72 -24.76 24.84
CA PRO B 330 -5.47 -25.94 25.30
C PRO B 330 -6.29 -25.73 26.58
N SER B 331 -7.43 -26.42 26.68
CA SER B 331 -8.28 -26.30 27.86
C SER B 331 -7.46 -26.52 29.12
N ALA B 332 -6.44 -27.36 29.00
CA ALA B 332 -5.54 -27.67 30.11
C ALA B 332 -4.75 -26.45 30.58
N ASP B 333 -5.05 -25.27 30.05
CA ASP B 333 -4.33 -24.04 30.43
C ASP B 333 -5.30 -22.89 30.67
N ARG B 334 -6.55 -23.23 30.95
CA ARG B 334 -7.58 -22.23 31.17
C ARG B 334 -7.25 -21.19 32.21
N HIS B 335 -6.40 -21.53 33.19
CA HIS B 335 -6.04 -20.61 34.26
C HIS B 335 -4.59 -20.12 34.24
N ARG B 336 -3.86 -20.47 33.19
CA ARG B 336 -2.45 -20.09 33.08
C ARG B 336 -2.09 -18.63 32.79
N TRP B 337 -2.94 -17.92 32.04
CA TRP B 337 -2.63 -16.53 31.71
C TRP B 337 -3.62 -15.51 32.24
N SER B 338 -3.13 -14.62 33.10
CA SER B 338 -3.97 -13.59 33.70
C SER B 338 -3.74 -12.22 33.06
N PRO B 339 -4.75 -11.34 33.10
CA PRO B 339 -4.59 -10.00 32.51
C PRO B 339 -3.31 -9.37 33.04
N GLY B 340 -2.80 -8.36 32.35
CA GLY B 340 -1.59 -7.69 32.79
C GLY B 340 -0.33 -8.52 32.68
N ALA B 341 -0.46 -9.83 32.81
CA ALA B 341 0.68 -10.74 32.73
C ALA B 341 1.52 -10.54 31.46
N TRP B 342 2.85 -10.62 31.60
CA TRP B 342 3.75 -10.48 30.45
C TRP B 342 4.08 -11.85 29.86
N VAL B 343 4.19 -11.93 28.54
CA VAL B 343 4.48 -13.19 27.87
C VAL B 343 5.33 -13.14 26.62
N HIS B 344 5.86 -14.31 26.28
CA HIS B 344 6.69 -14.57 25.12
C HIS B 344 5.81 -15.36 24.17
N MET B 345 5.89 -15.06 22.87
CA MET B 345 5.11 -15.73 21.83
C MET B 345 5.96 -16.70 21.03
N ASN B 346 5.32 -17.74 20.51
CA ASN B 346 6.00 -18.74 19.72
C ASN B 346 5.14 -19.13 18.51
N VAL B 347 5.35 -18.45 17.39
CA VAL B 347 4.56 -18.76 16.21
C VAL B 347 5.09 -20.08 15.68
N THR B 348 4.21 -21.08 15.51
CA THR B 348 4.62 -22.40 15.03
C THR B 348 4.30 -22.72 13.56
N ARG B 349 3.23 -22.12 13.01
CA ARG B 349 2.87 -22.33 11.60
C ARG B 349 2.36 -20.99 11.11
N TRP B 350 2.47 -20.75 9.81
CA TRP B 350 2.05 -19.47 9.22
C TRP B 350 1.97 -19.53 7.71
N PHE B 351 1.38 -18.47 7.15
CA PHE B 351 1.27 -18.30 5.71
C PHE B 351 1.87 -16.91 5.49
N ILE B 352 2.35 -16.68 4.29
CA ILE B 352 2.91 -15.37 3.92
C ILE B 352 2.45 -15.09 2.49
N PHE B 353 1.76 -13.97 2.32
CA PHE B 353 1.28 -13.58 1.00
C PHE B 353 1.73 -12.16 0.72
N PRO B 354 2.03 -11.86 -0.54
CA PRO B 354 2.48 -10.53 -0.99
C PRO B 354 1.31 -9.57 -0.86
N ARG B 355 1.58 -8.39 -0.33
CA ARG B 355 0.57 -7.34 -0.23
C ARG B 355 0.33 -6.80 -1.64
#